data_7UTF
#
_entry.id   7UTF
#
_cell.length_a   159.450
_cell.length_b   159.450
_cell.length_c   163.900
_cell.angle_alpha   90.000
_cell.angle_beta   90.000
_cell.angle_gamma   90.000
#
_symmetry.space_group_name_H-M   'P 4 21 2'
#
loop_
_entity.id
_entity.type
_entity.pdbx_description
1 polymer 'Putative oxidoreductase, aryl-alcohol dehydrogenase like protein'
2 non-polymer 'SULFATE ION'
3 non-polymer 'CITRATE ANION'
4 water water
#
_entity_poly.entity_id   1
_entity_poly.type   'polypeptide(L)'
_entity_poly.pdbx_seq_one_letter_code
;MGSSHHHHHHSSGLVPRGSHMDYRKLGPSGTVVTAYCLGTMTFGAEADEAASHKLLDDYFAWGGNFIDTADVYSAGKSEE
IIGRWLKARPTEARQAIVATKGRFPMGNGPNDIGLSRRHLSQALDDSLRRLGLEQIDLYQMHAWDALTPIEETLRFLDDA
VSSGKIGYYGFSNYVGWHIAKASEIAKARGYTRPVTLQPQYNLLMRDIELEIVAACQDAGMGLLPWSPLGGGWLTGKYKR
DEMPTGATRLGENPNRGGESYAPRNAQERTWAIIGTVEEIAKARGVSMAQVALAWTAARPAITSVILGARTPEQLADNLG
AMKVELSGEEMARLNEVSAPQPLDYPYGKGGINQRHRKIEGGR
;
_entity_poly.pdbx_strand_id   A,B,C,D
#
# COMPACT_ATOMS: atom_id res chain seq x y z
N SER A 19 8.98 -17.34 37.16
CA SER A 19 9.86 -17.19 38.32
C SER A 19 9.84 -15.76 38.82
N HIS A 20 10.05 -14.80 37.92
CA HIS A 20 9.86 -13.38 38.19
C HIS A 20 8.63 -12.92 37.41
N MET A 21 7.53 -12.71 38.11
CA MET A 21 6.28 -12.32 37.49
C MET A 21 6.10 -10.81 37.54
N ASP A 22 5.58 -10.24 36.46
CA ASP A 22 5.36 -8.80 36.34
C ASP A 22 3.95 -8.50 36.84
N TYR A 23 3.85 -7.96 38.05
CA TYR A 23 2.57 -7.62 38.66
C TYR A 23 2.32 -6.12 38.55
N ARG A 24 1.07 -5.75 38.32
CA ARG A 24 0.68 -4.35 38.18
C ARG A 24 -0.68 -4.15 38.83
N LYS A 25 -0.88 -2.96 39.38
CA LYS A 25 -2.16 -2.63 40.02
C LYS A 25 -3.26 -2.53 38.97
N LEU A 26 -4.46 -2.97 39.34
CA LEU A 26 -5.64 -2.87 38.48
C LEU A 26 -6.08 -1.40 38.47
N GLY A 27 -5.40 -0.60 37.66
CA GLY A 27 -5.65 0.82 37.62
C GLY A 27 -5.28 1.47 38.93
N PRO A 28 -6.24 2.21 39.52
CA PRO A 28 -5.97 2.90 40.79
C PRO A 28 -6.32 2.09 42.02
N SER A 29 -6.92 0.92 41.87
CA SER A 29 -7.40 0.12 42.99
C SER A 29 -6.26 -0.63 43.66
N GLY A 30 -6.60 -1.35 44.72
CA GLY A 30 -5.66 -2.19 45.44
C GLY A 30 -5.60 -3.63 44.99
N THR A 31 -6.24 -3.95 43.87
CA THR A 31 -6.17 -5.30 43.31
C THR A 31 -4.99 -5.42 42.37
N VAL A 32 -4.35 -6.59 42.38
CA VAL A 32 -3.14 -6.85 41.61
C VAL A 32 -3.46 -7.89 40.54
N VAL A 33 -2.93 -7.67 39.34
CA VAL A 33 -3.11 -8.58 38.22
C VAL A 33 -1.79 -8.73 37.48
N THR A 34 -1.58 -9.91 36.92
CA THR A 34 -0.39 -10.15 36.11
C THR A 34 -0.42 -9.28 34.86
N ALA A 35 0.78 -8.93 34.38
CA ALA A 35 0.90 -8.03 33.24
C ALA A 35 0.27 -8.58 31.97
N TYR A 36 -0.10 -9.85 31.94
CA TYR A 36 -0.78 -10.45 30.79
C TYR A 36 -2.09 -11.06 31.24
N CYS A 37 -3.14 -10.84 30.45
CA CYS A 37 -4.49 -11.29 30.76
C CYS A 37 -4.98 -12.24 29.68
N LEU A 38 -5.65 -13.30 30.09
CA LEU A 38 -6.14 -14.32 29.15
C LEU A 38 -7.46 -13.86 28.56
N GLY A 39 -7.45 -13.53 27.27
CA GLY A 39 -8.69 -13.27 26.56
C GLY A 39 -9.38 -14.55 26.17
N THR A 40 -10.72 -14.51 26.20
CA THR A 40 -11.53 -15.71 25.99
C THR A 40 -12.51 -15.56 24.83
N MET A 41 -12.26 -14.61 23.92
CA MET A 41 -13.17 -14.37 22.81
C MET A 41 -13.45 -15.64 22.01
N THR A 42 -12.49 -16.58 21.98
CA THR A 42 -12.63 -17.78 21.16
C THR A 42 -13.34 -18.93 21.88
N PHE A 43 -13.46 -18.88 23.21
CA PHE A 43 -14.06 -19.99 23.94
C PHE A 43 -15.50 -20.20 23.49
N GLY A 44 -15.82 -21.42 23.07
CA GLY A 44 -17.14 -21.73 22.55
C GLY A 44 -17.30 -21.47 21.08
N ALA A 45 -16.27 -20.98 20.39
CA ALA A 45 -16.33 -20.75 18.95
C ALA A 45 -15.24 -21.55 18.26
N GLU A 46 -14.05 -20.95 18.09
CA GLU A 46 -12.93 -21.66 17.52
C GLU A 46 -12.34 -22.68 18.48
N ALA A 47 -12.51 -22.49 19.79
CA ALA A 47 -11.99 -23.39 20.81
C ALA A 47 -13.16 -23.94 21.61
N ASP A 48 -13.31 -25.26 21.60
CA ASP A 48 -14.40 -25.92 22.32
C ASP A 48 -14.08 -25.93 23.82
N GLU A 49 -14.91 -26.61 24.60
CA GLU A 49 -14.74 -26.60 26.05
C GLU A 49 -13.37 -27.14 26.46
N ALA A 50 -13.00 -28.31 25.92
CA ALA A 50 -11.71 -28.90 26.28
C ALA A 50 -10.55 -27.99 25.88
N ALA A 51 -10.59 -27.47 24.65
CA ALA A 51 -9.57 -26.52 24.22
C ALA A 51 -9.49 -25.34 25.19
N SER A 52 -10.64 -24.70 25.45
CA SER A 52 -10.66 -23.58 26.38
C SER A 52 -10.10 -23.97 27.73
N HIS A 53 -10.47 -25.14 28.23
CA HIS A 53 -10.02 -25.55 29.56
C HIS A 53 -8.51 -25.78 29.59
N LYS A 54 -7.94 -26.30 28.50
CA LYS A 54 -6.48 -26.44 28.44
C LYS A 54 -5.82 -25.07 28.47
N LEU A 55 -6.33 -24.12 27.69
CA LEU A 55 -5.77 -22.77 27.69
C LEU A 55 -5.80 -22.18 29.09
N LEU A 56 -6.95 -22.22 29.76
CA LEU A 56 -7.05 -21.71 31.12
C LEU A 56 -6.03 -22.39 32.03
N ASP A 57 -5.94 -23.73 31.95
CA ASP A 57 -4.96 -24.45 32.75
C ASP A 57 -3.54 -23.95 32.48
N ASP A 58 -3.15 -23.87 31.21
CA ASP A 58 -1.81 -23.41 30.88
C ASP A 58 -1.57 -21.99 31.37
N TYR A 59 -2.57 -21.12 31.25
CA TYR A 59 -2.40 -19.74 31.67
C TYR A 59 -2.14 -19.65 33.17
N PHE A 60 -2.93 -20.36 33.97
CA PHE A 60 -2.75 -20.29 35.42
C PHE A 60 -1.53 -21.07 35.88
N ALA A 61 -1.13 -22.10 35.14
CA ALA A 61 0.14 -22.77 35.45
C ALA A 61 1.31 -21.82 35.20
N TRP A 62 1.15 -20.88 34.28
CA TRP A 62 2.16 -19.84 34.06
C TRP A 62 2.23 -18.85 35.22
N GLY A 63 1.17 -18.74 36.01
CA GLY A 63 1.09 -17.78 37.09
C GLY A 63 0.09 -16.67 36.87
N GLY A 64 -0.62 -16.67 35.73
CA GLY A 64 -1.61 -15.64 35.48
C GLY A 64 -2.80 -15.75 36.41
N ASN A 65 -3.50 -14.62 36.57
CA ASN A 65 -4.66 -14.57 37.45
C ASN A 65 -5.79 -13.71 36.88
N PHE A 66 -5.74 -13.36 35.60
CA PHE A 66 -6.64 -12.37 35.01
C PHE A 66 -7.37 -13.00 33.85
N ILE A 67 -8.69 -13.10 33.95
CA ILE A 67 -9.55 -13.65 32.92
C ILE A 67 -10.51 -12.57 32.45
N ASP A 68 -10.54 -12.33 31.14
CA ASP A 68 -11.46 -11.36 30.55
C ASP A 68 -12.36 -12.06 29.54
N THR A 69 -13.66 -11.86 29.69
CA THR A 69 -14.65 -12.44 28.77
C THR A 69 -15.68 -11.36 28.48
N ALA A 70 -16.87 -11.79 28.06
CA ALA A 70 -17.96 -10.89 27.75
C ALA A 70 -19.21 -11.72 27.48
N ASP A 71 -20.37 -11.16 27.82
CA ASP A 71 -21.61 -11.90 27.61
C ASP A 71 -21.83 -12.22 26.14
N VAL A 72 -21.35 -11.36 25.24
CA VAL A 72 -21.64 -11.53 23.82
C VAL A 72 -20.71 -12.50 23.11
N TYR A 73 -19.64 -12.95 23.76
CA TYR A 73 -18.72 -13.91 23.14
C TYR A 73 -19.43 -15.26 23.01
N SER A 74 -19.85 -15.59 21.79
CA SER A 74 -20.55 -16.83 21.52
C SER A 74 -21.86 -16.93 22.32
N ALA A 75 -22.54 -15.80 22.47
CA ALA A 75 -23.88 -15.76 23.07
C ALA A 75 -23.89 -16.40 24.45
N GLY A 76 -22.90 -16.05 25.27
CA GLY A 76 -22.84 -16.51 26.64
C GLY A 76 -22.11 -17.80 26.87
N LYS A 77 -21.64 -18.48 25.82
CA LYS A 77 -20.94 -19.74 26.02
C LYS A 77 -19.55 -19.53 26.57
N SER A 78 -18.87 -18.44 26.20
CA SER A 78 -17.59 -18.14 26.81
C SER A 78 -17.71 -18.05 28.33
N GLU A 79 -18.75 -17.37 28.81
CA GLU A 79 -18.97 -17.26 30.25
C GLU A 79 -19.29 -18.62 30.86
N GLU A 80 -20.10 -19.43 30.16
CA GLU A 80 -20.46 -20.74 30.68
C GLU A 80 -19.24 -21.66 30.76
N ILE A 81 -18.40 -21.65 29.73
CA ILE A 81 -17.18 -22.45 29.75
C ILE A 81 -16.29 -22.03 30.91
N ILE A 82 -16.09 -20.72 31.07
CA ILE A 82 -15.24 -20.22 32.16
C ILE A 82 -15.83 -20.61 33.52
N GLY A 83 -17.15 -20.55 33.64
CA GLY A 83 -17.77 -20.87 34.92
C GLY A 83 -17.60 -22.34 35.29
N ARG A 84 -17.78 -23.24 34.33
CA ARG A 84 -17.58 -24.66 34.60
C ARG A 84 -16.14 -24.94 34.99
N TRP A 85 -15.19 -24.25 34.34
CA TRP A 85 -13.78 -24.43 34.68
C TRP A 85 -13.50 -23.98 36.11
N LEU A 86 -14.01 -22.79 36.48
CA LEU A 86 -13.83 -22.33 37.85
C LEU A 86 -14.40 -23.32 38.85
N LYS A 87 -15.59 -23.84 38.58
CA LYS A 87 -16.16 -24.88 39.44
C LYS A 87 -15.23 -26.07 39.57
N ALA A 88 -14.50 -26.41 38.50
CA ALA A 88 -13.66 -27.59 38.48
C ALA A 88 -12.25 -27.34 39.02
N ARG A 89 -11.88 -26.09 39.25
CA ARG A 89 -10.54 -25.73 39.71
C ARG A 89 -10.64 -24.78 40.90
N PRO A 90 -11.09 -25.28 42.05
CA PRO A 90 -11.24 -24.39 43.22
C PRO A 90 -9.97 -23.62 43.57
N THR A 91 -8.79 -24.25 43.44
CA THR A 91 -7.56 -23.58 43.82
C THR A 91 -7.28 -22.38 42.92
N GLU A 92 -7.40 -22.57 41.60
CA GLU A 92 -7.18 -21.45 40.68
C GLU A 92 -8.30 -20.42 40.79
N ALA A 93 -9.54 -20.87 40.98
CA ALA A 93 -10.66 -19.94 41.08
C ALA A 93 -10.46 -18.94 42.21
N ARG A 94 -9.78 -19.34 43.29
CA ARG A 94 -9.51 -18.41 44.38
C ARG A 94 -8.50 -17.35 44.02
N GLN A 95 -7.70 -17.57 42.98
CA GLN A 95 -6.76 -16.58 42.51
C GLN A 95 -7.32 -15.73 41.37
N ALA A 96 -8.35 -16.22 40.68
CA ALA A 96 -8.79 -15.60 39.45
C ALA A 96 -9.46 -14.25 39.71
N ILE A 97 -9.02 -13.24 38.95
CA ILE A 97 -9.74 -11.98 38.82
C ILE A 97 -10.56 -12.08 37.54
N VAL A 98 -11.88 -12.17 37.68
CA VAL A 98 -12.77 -12.43 36.56
C VAL A 98 -13.41 -11.12 36.11
N ALA A 99 -13.29 -10.81 34.83
CA ALA A 99 -13.85 -9.61 34.24
C ALA A 99 -14.67 -9.98 33.01
N THR A 100 -15.87 -9.40 32.92
CA THR A 100 -16.74 -9.63 31.76
C THR A 100 -17.36 -8.29 31.38
N LYS A 101 -18.33 -8.32 30.46
CA LYS A 101 -18.86 -7.09 29.88
C LYS A 101 -20.35 -7.21 29.64
N GLY A 102 -20.96 -6.06 29.42
CA GLY A 102 -22.33 -5.99 28.94
C GLY A 102 -22.51 -4.70 28.17
N ARG A 103 -23.38 -4.74 27.16
CA ARG A 103 -23.68 -3.58 26.32
C ARG A 103 -24.27 -4.01 24.99
N PHE A 104 -23.62 -4.96 24.32
CA PHE A 104 -24.04 -5.36 23.00
C PHE A 104 -25.16 -6.40 23.07
N PRO A 105 -25.86 -6.62 21.96
CA PRO A 105 -27.15 -7.32 22.01
C PRO A 105 -27.01 -8.80 22.39
N MET A 106 -27.78 -9.20 23.39
CA MET A 106 -27.99 -10.61 23.71
C MET A 106 -29.40 -11.00 23.30
N GLY A 107 -29.71 -10.87 22.03
CA GLY A 107 -31.07 -10.98 21.52
C GLY A 107 -31.42 -9.79 20.66
N ASN A 108 -32.52 -9.94 19.92
CA ASN A 108 -32.93 -8.97 18.92
C ASN A 108 -34.00 -8.00 19.42
N GLY A 109 -34.26 -7.97 20.71
CA GLY A 109 -35.23 -7.06 21.28
C GLY A 109 -34.69 -5.67 21.47
N PRO A 110 -35.56 -4.67 21.44
CA PRO A 110 -35.09 -3.28 21.63
C PRO A 110 -34.42 -3.02 22.97
N ASN A 111 -34.60 -3.91 23.95
CA ASN A 111 -34.00 -3.73 25.26
C ASN A 111 -33.10 -4.89 25.68
N ASP A 112 -32.79 -5.81 24.76
CA ASP A 112 -31.72 -6.77 24.98
C ASP A 112 -30.35 -6.18 24.68
N ILE A 113 -30.14 -4.93 25.06
CA ILE A 113 -29.01 -4.16 24.57
C ILE A 113 -28.98 -2.82 25.32
N GLY A 114 -27.85 -2.12 25.24
CA GLY A 114 -27.73 -0.81 25.84
C GLY A 114 -27.18 -0.87 27.26
N LEU A 115 -26.79 0.31 27.75
CA LEU A 115 -26.30 0.48 29.11
C LEU A 115 -27.39 0.95 30.07
N SER A 116 -28.64 0.66 29.74
CA SER A 116 -29.77 1.08 30.56
C SER A 116 -29.86 0.24 31.84
N ARG A 117 -30.49 0.83 32.85
CA ARG A 117 -30.79 0.07 34.06
C ARG A 117 -31.61 -1.18 33.72
N ARG A 118 -32.58 -1.03 32.82
CA ARG A 118 -33.42 -2.17 32.45
C ARG A 118 -32.60 -3.34 31.93
N HIS A 119 -31.65 -3.07 31.03
CA HIS A 119 -30.90 -4.16 30.42
C HIS A 119 -29.72 -4.63 31.26
N LEU A 120 -29.01 -3.73 31.94
CA LEU A 120 -27.83 -4.14 32.69
C LEU A 120 -28.21 -5.01 33.89
N SER A 121 -29.33 -4.70 34.55
CA SER A 121 -29.77 -5.54 35.67
C SER A 121 -29.96 -6.98 35.21
N GLN A 122 -30.47 -7.18 34.00
CA GLN A 122 -30.64 -8.54 33.46
C GLN A 122 -29.33 -9.08 32.88
N ALA A 123 -28.49 -8.21 32.32
CA ALA A 123 -27.22 -8.66 31.77
C ALA A 123 -26.26 -9.07 32.88
N LEU A 124 -26.18 -8.26 33.94
CA LEU A 124 -25.31 -8.62 35.06
C LEU A 124 -25.77 -9.90 35.74
N ASP A 125 -27.08 -10.05 35.94
CA ASP A 125 -27.59 -11.27 36.56
C ASP A 125 -27.27 -12.50 35.70
N ASP A 126 -27.46 -12.39 34.39
CA ASP A 126 -27.18 -13.53 33.52
C ASP A 126 -25.68 -13.85 33.49
N SER A 127 -24.83 -12.83 33.57
CA SER A 127 -23.40 -13.07 33.62
C SER A 127 -23.02 -13.79 34.91
N LEU A 128 -23.56 -13.34 36.04
CA LEU A 128 -23.29 -14.01 37.31
C LEU A 128 -23.72 -15.47 37.27
N ARG A 129 -24.88 -15.74 36.66
CA ARG A 129 -25.37 -17.11 36.62
C ARG A 129 -24.51 -17.98 35.71
N ARG A 130 -24.17 -17.47 34.52
CA ARG A 130 -23.36 -18.26 33.59
C ARG A 130 -21.96 -18.50 34.13
N LEU A 131 -21.39 -17.53 34.83
CA LEU A 131 -20.08 -17.69 35.44
C LEU A 131 -20.13 -18.44 36.77
N GLY A 132 -21.32 -18.65 37.32
CA GLY A 132 -21.43 -19.32 38.61
C GLY A 132 -20.73 -18.56 39.72
N LEU A 133 -20.85 -17.24 39.72
CA LEU A 133 -20.21 -16.38 40.71
C LEU A 133 -21.26 -15.53 41.42
N GLU A 134 -20.96 -15.16 42.66
CA GLU A 134 -21.76 -14.16 43.37
C GLU A 134 -21.22 -12.75 43.21
N GLN A 135 -19.99 -12.60 42.75
CA GLN A 135 -19.41 -11.28 42.55
C GLN A 135 -18.47 -11.34 41.36
N ILE A 136 -18.68 -10.45 40.39
CA ILE A 136 -17.76 -10.27 39.28
C ILE A 136 -16.74 -9.21 39.65
N ASP A 137 -15.46 -9.55 39.49
CA ASP A 137 -14.40 -8.64 39.93
C ASP A 137 -14.41 -7.35 39.14
N LEU A 138 -14.53 -7.43 37.82
CA LEU A 138 -14.46 -6.26 36.95
C LEU A 138 -15.58 -6.35 35.91
N TYR A 139 -16.58 -5.49 36.05
CA TYR A 139 -17.70 -5.41 35.10
C TYR A 139 -17.49 -4.21 34.20
N GLN A 140 -17.50 -4.45 32.89
CA GLN A 140 -17.08 -3.46 31.91
C GLN A 140 -18.22 -3.14 30.94
N MET A 141 -18.41 -1.86 30.68
CA MET A 141 -19.32 -1.40 29.64
C MET A 141 -18.65 -1.63 28.28
N HIS A 142 -19.22 -2.52 27.46
CA HIS A 142 -18.56 -2.91 26.23
C HIS A 142 -18.35 -1.73 25.29
N ALA A 143 -19.26 -0.76 25.31
CA ALA A 143 -19.11 0.42 24.46
C ALA A 143 -20.05 1.51 24.96
N TRP A 144 -19.76 2.73 24.53
CA TRP A 144 -20.61 3.87 24.85
C TRP A 144 -22.03 3.64 24.34
N ASP A 145 -23.01 4.22 25.03
CA ASP A 145 -24.42 4.13 24.66
C ASP A 145 -25.03 5.52 24.76
N ALA A 146 -25.09 6.22 23.62
CA ALA A 146 -25.64 7.58 23.59
C ALA A 146 -27.14 7.61 23.87
N LEU A 147 -27.81 6.45 23.95
CA LEU A 147 -29.22 6.42 24.26
C LEU A 147 -29.51 6.34 25.75
N THR A 148 -28.49 6.13 26.58
CA THR A 148 -28.65 6.02 28.01
C THR A 148 -27.83 7.10 28.71
N PRO A 149 -28.43 7.94 29.55
CA PRO A 149 -27.63 8.90 30.33
C PRO A 149 -26.53 8.17 31.09
N ILE A 150 -25.33 8.72 31.04
CA ILE A 150 -24.24 8.12 31.81
C ILE A 150 -24.57 8.12 33.29
N GLU A 151 -25.37 9.09 33.75
CA GLU A 151 -25.81 9.11 35.14
C GLU A 151 -26.61 7.86 35.49
N GLU A 152 -27.47 7.41 34.58
CA GLU A 152 -28.26 6.21 34.83
C GLU A 152 -27.38 4.97 34.93
N THR A 153 -26.41 4.84 34.02
CA THR A 153 -25.49 3.71 34.07
C THR A 153 -24.68 3.72 35.36
N LEU A 154 -24.11 4.88 35.70
CA LEU A 154 -23.25 4.97 36.87
C LEU A 154 -24.01 4.66 38.15
N ARG A 155 -25.26 5.10 38.25
CA ARG A 155 -26.07 4.78 39.42
C ARG A 155 -26.26 3.27 39.56
N PHE A 156 -26.62 2.61 38.45
CA PHE A 156 -26.78 1.15 38.49
C PHE A 156 -25.50 0.49 38.97
N LEU A 157 -24.36 0.85 38.38
CA LEU A 157 -23.10 0.25 38.78
C LEU A 157 -22.82 0.49 40.26
N ASP A 158 -23.09 1.70 40.75
CA ASP A 158 -22.89 1.97 42.17
C ASP A 158 -23.81 1.09 43.01
N ASP A 159 -25.04 0.86 42.55
CA ASP A 159 -25.92 -0.06 43.26
C ASP A 159 -25.34 -1.48 43.28
N ALA A 160 -24.65 -1.87 42.21
CA ALA A 160 -24.09 -3.21 42.15
C ALA A 160 -22.87 -3.36 43.06
N VAL A 161 -22.15 -2.27 43.30
CA VAL A 161 -21.00 -2.33 44.21
C VAL A 161 -21.48 -2.54 45.64
N SER A 162 -22.50 -1.79 46.06
CA SER A 162 -22.97 -1.89 47.44
C SER A 162 -23.61 -3.25 47.72
N SER A 163 -24.31 -3.82 46.73
CA SER A 163 -24.92 -5.12 46.91
C SER A 163 -23.93 -6.27 46.75
N GLY A 164 -22.71 -5.99 46.31
CA GLY A 164 -21.67 -7.00 46.21
C GLY A 164 -21.66 -7.79 44.93
N LYS A 165 -22.52 -7.48 43.97
CA LYS A 165 -22.54 -8.22 42.71
C LYS A 165 -21.26 -7.99 41.91
N ILE A 166 -20.66 -6.81 42.01
CA ILE A 166 -19.42 -6.50 41.32
C ILE A 166 -18.46 -5.83 42.28
N GLY A 167 -17.17 -5.94 41.98
CA GLY A 167 -16.15 -5.26 42.75
C GLY A 167 -15.80 -3.90 42.15
N TYR A 168 -15.31 -3.91 40.92
CA TYR A 168 -14.92 -2.69 40.21
C TYR A 168 -15.66 -2.64 38.87
N TYR A 169 -15.59 -1.47 38.23
CA TYR A 169 -16.17 -1.31 36.89
C TYR A 169 -15.20 -0.54 36.01
N GLY A 170 -15.36 -0.72 34.71
CA GLY A 170 -14.51 -0.08 33.72
C GLY A 170 -15.24 0.06 32.41
N PHE A 171 -14.55 0.62 31.42
CA PHE A 171 -15.16 0.91 30.14
C PHE A 171 -14.38 0.27 29.01
N SER A 172 -15.06 0.14 27.88
CA SER A 172 -14.46 -0.20 26.60
C SER A 172 -15.18 0.59 25.52
N ASN A 173 -14.41 1.01 24.51
CA ASN A 173 -14.95 1.83 23.42
C ASN A 173 -15.57 3.12 23.96
N TYR A 174 -14.82 3.78 24.84
CA TYR A 174 -15.11 5.15 25.29
C TYR A 174 -14.05 6.08 24.72
N VAL A 175 -14.46 7.30 24.35
CA VAL A 175 -13.49 8.26 23.84
C VAL A 175 -13.14 9.25 24.94
N GLY A 176 -12.35 10.26 24.59
CA GLY A 176 -11.83 11.22 25.56
C GLY A 176 -12.84 11.82 26.50
N TRP A 177 -13.86 12.50 25.97
CA TRP A 177 -14.81 13.18 26.86
C TRP A 177 -15.72 12.19 27.57
N HIS A 178 -15.99 11.03 26.96
CA HIS A 178 -16.69 9.96 27.68
C HIS A 178 -15.99 9.64 28.98
N ILE A 179 -14.69 9.39 28.91
CA ILE A 179 -13.94 8.97 30.10
C ILE A 179 -13.96 10.05 31.16
N ALA A 180 -13.59 11.28 30.78
CA ALA A 180 -13.54 12.37 31.76
C ALA A 180 -14.92 12.65 32.35
N LYS A 181 -15.96 12.57 31.54
CA LYS A 181 -17.31 12.87 32.02
C LYS A 181 -17.75 11.85 33.07
N ALA A 182 -17.73 10.57 32.70
CA ALA A 182 -18.12 9.52 33.65
C ALA A 182 -17.25 9.56 34.91
N SER A 183 -15.93 9.72 34.73
CA SER A 183 -15.04 9.80 35.87
C SER A 183 -15.44 10.93 36.80
N GLU A 184 -15.58 12.15 36.27
CA GLU A 184 -15.87 13.31 37.12
C GLU A 184 -17.25 13.22 37.74
N ILE A 185 -18.22 12.63 37.05
CA ILE A 185 -19.56 12.50 37.63
C ILE A 185 -19.55 11.50 38.77
N ALA A 186 -18.78 10.40 38.62
CA ALA A 186 -18.62 9.46 39.73
C ALA A 186 -18.09 10.17 40.97
N LYS A 187 -17.01 10.95 40.81
CA LYS A 187 -16.50 11.74 41.93
C LYS A 187 -17.60 12.61 42.52
N ALA A 188 -18.35 13.30 41.66
CA ALA A 188 -19.38 14.21 42.15
C ALA A 188 -20.47 13.48 42.92
N ARG A 189 -20.84 12.29 42.45
CA ARG A 189 -21.92 11.53 43.07
C ARG A 189 -21.46 10.75 44.30
N GLY A 190 -20.16 10.69 44.56
CA GLY A 190 -19.65 9.85 45.63
C GLY A 190 -19.55 8.38 45.28
N TYR A 191 -19.69 8.04 44.00
CA TYR A 191 -19.55 6.65 43.56
C TYR A 191 -18.09 6.23 43.58
N THR A 192 -17.86 4.93 43.44
CA THR A 192 -16.50 4.44 43.30
C THR A 192 -15.94 4.85 41.94
N ARG A 193 -14.63 4.98 41.89
CA ARG A 193 -13.97 5.44 40.66
C ARG A 193 -13.79 4.27 39.69
N PRO A 194 -13.93 4.51 38.39
CA PRO A 194 -13.65 3.45 37.41
C PRO A 194 -12.17 3.14 37.36
N VAL A 195 -11.85 1.89 37.04
CA VAL A 195 -10.49 1.39 37.15
C VAL A 195 -9.79 1.32 35.80
N THR A 196 -10.49 0.93 34.74
CA THR A 196 -9.78 0.56 33.52
C THR A 196 -10.55 0.96 32.27
N LEU A 197 -9.80 1.09 31.18
CA LEU A 197 -10.32 1.16 29.82
C LEU A 197 -9.73 0.01 29.03
N GLN A 198 -10.58 -0.71 28.29
CA GLN A 198 -10.13 -1.84 27.47
C GLN A 198 -10.17 -1.43 26.01
N PRO A 199 -9.12 -0.80 25.48
CA PRO A 199 -9.15 -0.32 24.10
C PRO A 199 -8.43 -1.25 23.14
N GLN A 200 -8.81 -1.19 21.86
CA GLN A 200 -8.09 -1.87 20.80
C GLN A 200 -6.82 -1.08 20.50
N TYR A 201 -5.66 -1.65 20.81
CA TYR A 201 -4.43 -0.88 20.85
C TYR A 201 -3.26 -1.79 20.50
N ASN A 202 -2.47 -1.39 19.51
CA ASN A 202 -1.29 -2.12 19.07
C ASN A 202 -0.45 -1.19 18.21
N LEU A 203 0.72 -1.68 17.79
CA LEU A 203 1.61 -0.89 16.95
C LEU A 203 0.90 -0.33 15.72
N LEU A 204 -0.10 -1.04 15.22
CA LEU A 204 -0.82 -0.60 14.02
C LEU A 204 -1.96 0.35 14.32
N MET A 205 -2.40 0.45 15.58
CA MET A 205 -3.54 1.31 15.95
C MET A 205 -3.18 2.03 17.25
N ARG A 206 -2.65 3.24 17.12
CA ARG A 206 -2.23 4.03 18.28
C ARG A 206 -3.03 5.32 18.42
N ASP A 207 -4.21 5.41 17.82
CA ASP A 207 -4.94 6.67 17.82
C ASP A 207 -5.54 7.00 19.18
N ILE A 208 -5.57 6.04 20.12
CA ILE A 208 -6.08 6.35 21.45
C ILE A 208 -5.06 7.22 22.18
N GLU A 209 -3.92 7.43 21.52
CA GLU A 209 -2.89 8.31 22.06
C GLU A 209 -3.11 9.78 21.70
N LEU A 210 -4.05 10.08 20.80
CA LEU A 210 -4.32 11.48 20.48
C LEU A 210 -4.77 12.25 21.71
N GLU A 211 -5.59 11.61 22.57
CA GLU A 211 -5.97 12.22 23.84
C GLU A 211 -6.59 11.23 24.81
N ILE A 212 -7.07 10.09 24.31
CA ILE A 212 -7.77 9.14 25.18
C ILE A 212 -6.86 8.63 26.28
N VAL A 213 -5.62 8.29 25.95
CA VAL A 213 -4.68 7.82 26.96
C VAL A 213 -4.51 8.87 28.05
N ALA A 214 -4.30 10.13 27.65
CA ALA A 214 -4.16 11.20 28.63
C ALA A 214 -5.40 11.33 29.49
N ALA A 215 -6.58 11.23 28.88
CA ALA A 215 -7.81 11.21 29.68
C ALA A 215 -7.76 10.11 30.72
N CYS A 216 -7.31 8.91 30.34
CA CYS A 216 -7.22 7.81 31.30
C CYS A 216 -6.19 8.12 32.38
N GLN A 217 -5.03 8.68 31.99
CA GLN A 217 -4.01 9.01 32.99
C GLN A 217 -4.51 10.05 33.97
N ASP A 218 -5.25 11.06 33.48
CA ASP A 218 -5.81 12.05 34.38
C ASP A 218 -6.74 11.41 35.41
N ALA A 219 -7.57 10.46 34.97
CA ALA A 219 -8.49 9.77 35.85
C ALA A 219 -7.83 8.65 36.64
N GLY A 220 -6.53 8.41 36.44
CA GLY A 220 -5.84 7.34 37.14
C GLY A 220 -6.15 5.95 36.65
N MET A 221 -6.83 5.82 35.52
CA MET A 221 -7.21 4.52 35.00
C MET A 221 -6.06 3.87 34.25
N GLY A 222 -6.02 2.54 34.31
CA GLY A 222 -5.08 1.76 33.54
C GLY A 222 -5.70 1.23 32.26
N LEU A 223 -4.84 0.78 31.36
CA LEU A 223 -5.27 0.29 30.05
C LEU A 223 -5.24 -1.24 30.01
N LEU A 224 -6.30 -1.82 29.43
CA LEU A 224 -6.37 -3.25 29.17
C LEU A 224 -6.43 -3.44 27.65
N PRO A 225 -5.33 -3.16 26.96
CA PRO A 225 -5.34 -3.25 25.50
C PRO A 225 -5.66 -4.67 25.06
N TRP A 226 -6.43 -4.78 23.97
CA TRP A 226 -6.73 -6.06 23.36
C TRP A 226 -6.38 -6.01 21.87
N SER A 227 -6.25 -7.20 21.28
CA SER A 227 -5.76 -7.34 19.92
C SER A 227 -4.35 -6.78 19.81
N PRO A 228 -3.45 -7.11 20.74
CA PRO A 228 -2.09 -6.53 20.69
C PRO A 228 -1.27 -7.00 19.50
N LEU A 229 -1.77 -7.95 18.72
CA LEU A 229 -1.06 -8.45 17.54
C LEU A 229 -1.75 -8.07 16.24
N GLY A 230 -2.74 -7.17 16.30
CA GLY A 230 -3.46 -6.79 15.10
C GLY A 230 -4.12 -7.96 14.40
N GLY A 231 -4.64 -8.92 15.16
CA GLY A 231 -5.27 -10.09 14.59
C GLY A 231 -4.34 -10.85 13.65
N GLY A 232 -3.11 -11.08 14.09
CA GLY A 232 -2.14 -11.84 13.32
C GLY A 232 -1.29 -11.03 12.37
N TRP A 233 -1.58 -9.75 12.18
CA TRP A 233 -0.78 -8.93 11.26
C TRP A 233 0.61 -8.65 11.84
N LEU A 234 0.73 -8.55 13.16
CA LEU A 234 2.01 -8.29 13.79
C LEU A 234 2.81 -9.56 14.07
N THR A 235 2.35 -10.71 13.55
CA THR A 235 3.06 -11.97 13.70
C THR A 235 3.56 -12.55 12.39
N GLY A 236 2.83 -12.34 11.29
CA GLY A 236 3.22 -12.88 10.00
C GLY A 236 2.11 -13.68 9.33
N LYS A 237 1.32 -13.01 8.49
CA LYS A 237 0.31 -13.69 7.69
C LYS A 237 0.13 -13.04 6.32
N TYR A 238 1.09 -12.22 5.92
CA TYR A 238 1.09 -11.47 4.65
C TYR A 238 0.09 -11.98 3.62
N PRO A 263 -5.36 7.25 1.78
CA PRO A 263 -5.13 5.81 1.99
C PRO A 263 -3.66 5.45 1.86
N ARG A 264 -2.93 6.22 1.05
CA ARG A 264 -1.53 5.92 0.79
C ARG A 264 -0.72 5.87 2.08
N ASN A 265 -0.82 6.92 2.90
CA ASN A 265 0.04 7.04 4.07
C ASN A 265 -0.16 5.87 5.04
N ALA A 266 -1.40 5.40 5.19
CA ALA A 266 -1.67 4.33 6.14
C ALA A 266 -1.01 3.02 5.72
N GLN A 267 -1.21 2.63 4.45
CA GLN A 267 -0.62 1.39 3.97
C GLN A 267 0.89 1.37 4.18
N GLU A 268 1.55 2.49 3.91
CA GLU A 268 3.01 2.55 4.03
C GLU A 268 3.45 2.30 5.48
N ARG A 269 2.77 2.94 6.44
CA ARG A 269 3.17 2.80 7.83
C ARG A 269 3.03 1.36 8.30
N THR A 270 1.96 0.67 7.88
CA THR A 270 1.74 -0.70 8.31
C THR A 270 2.95 -1.58 8.04
N TRP A 271 3.50 -1.48 6.83
CA TRP A 271 4.60 -2.36 6.45
C TRP A 271 5.93 -1.91 7.04
N ALA A 272 6.16 -0.59 7.10
CA ALA A 272 7.32 -0.09 7.84
C ALA A 272 7.31 -0.62 9.28
N ILE A 273 6.13 -0.78 9.86
CA ILE A 273 6.02 -1.36 11.20
C ILE A 273 6.32 -2.85 11.14
N ILE A 274 5.64 -3.58 10.24
CA ILE A 274 5.83 -5.03 10.15
C ILE A 274 7.29 -5.36 9.89
N GLY A 275 7.97 -4.54 9.08
CA GLY A 275 9.36 -4.80 8.79
C GLY A 275 10.27 -4.57 9.98
N THR A 276 9.99 -3.53 10.77
CA THR A 276 10.79 -3.27 11.96
C THR A 276 10.62 -4.39 12.98
N VAL A 277 9.39 -4.88 13.17
CA VAL A 277 9.15 -5.91 14.16
C VAL A 277 9.97 -7.17 13.84
N GLU A 278 9.86 -7.66 12.61
CA GLU A 278 10.58 -8.87 12.25
C GLU A 278 12.09 -8.63 12.20
N GLU A 279 12.51 -7.40 11.93
CA GLU A 279 13.94 -7.09 11.97
C GLU A 279 14.46 -7.14 13.39
N ILE A 280 13.71 -6.58 14.34
CA ILE A 280 14.10 -6.69 15.74
C ILE A 280 13.91 -8.12 16.25
N ALA A 281 12.89 -8.83 15.73
CA ALA A 281 12.67 -10.21 16.14
C ALA A 281 13.83 -11.10 15.72
N LYS A 282 14.22 -11.04 14.43
CA LYS A 282 15.36 -11.81 13.98
C LYS A 282 16.64 -11.38 14.67
N ALA A 283 16.77 -10.08 14.98
CA ALA A 283 17.96 -9.59 15.66
C ALA A 283 18.10 -10.26 17.04
N ARG A 284 17.03 -10.26 17.83
CA ARG A 284 17.05 -10.82 19.16
C ARG A 284 16.75 -12.32 19.18
N GLY A 285 16.42 -12.91 18.03
CA GLY A 285 16.13 -14.33 17.97
C GLY A 285 14.92 -14.72 18.78
N VAL A 286 13.81 -14.02 18.57
CA VAL A 286 12.54 -14.31 19.24
C VAL A 286 11.41 -14.15 18.23
N SER A 287 10.20 -14.47 18.67
CA SER A 287 9.04 -14.38 17.79
C SER A 287 8.70 -12.93 17.47
N MET A 288 8.07 -12.74 16.31
CA MET A 288 7.52 -11.42 16.01
C MET A 288 6.41 -11.06 16.98
N ALA A 289 5.60 -12.04 17.38
CA ALA A 289 4.55 -11.79 18.36
C ALA A 289 5.13 -11.33 19.69
N GLN A 290 6.31 -11.84 20.06
CA GLN A 290 6.90 -11.48 21.35
C GLN A 290 7.40 -10.04 21.33
N VAL A 291 7.95 -9.59 20.20
CA VAL A 291 8.37 -8.19 20.09
C VAL A 291 7.15 -7.28 20.20
N ALA A 292 6.11 -7.57 19.43
CA ALA A 292 4.89 -6.76 19.48
C ALA A 292 4.33 -6.69 20.89
N LEU A 293 4.28 -7.83 21.58
CA LEU A 293 3.70 -7.85 22.93
C LEU A 293 4.59 -7.11 23.92
N ALA A 294 5.91 -7.32 23.84
CA ALA A 294 6.82 -6.60 24.73
C ALA A 294 6.66 -5.09 24.56
N TRP A 295 6.53 -4.62 23.32
CA TRP A 295 6.29 -3.20 23.08
C TRP A 295 4.99 -2.75 23.74
N THR A 296 3.92 -3.51 23.54
CA THR A 296 2.62 -3.12 24.07
C THR A 296 2.66 -3.03 25.60
N ALA A 297 3.21 -4.06 26.25
CA ALA A 297 3.26 -4.09 27.70
C ALA A 297 4.16 -3.00 28.29
N ALA A 298 4.97 -2.34 27.47
CA ALA A 298 5.88 -1.31 27.93
C ALA A 298 5.35 0.10 27.68
N ARG A 299 4.19 0.24 27.06
CA ARG A 299 3.64 1.55 26.78
C ARG A 299 3.09 2.19 28.06
N PRO A 300 2.85 3.49 28.04
CA PRO A 300 2.38 4.17 29.26
C PRO A 300 0.97 3.74 29.64
N ALA A 301 0.76 3.58 30.95
CA ALA A 301 -0.55 3.35 31.55
C ALA A 301 -1.08 1.93 31.33
N ILE A 302 -0.27 1.02 30.80
CA ILE A 302 -0.72 -0.33 30.51
C ILE A 302 -0.81 -1.11 31.80
N THR A 303 -2.01 -1.61 32.12
CA THR A 303 -2.21 -2.44 33.30
C THR A 303 -1.96 -3.92 33.00
N SER A 304 -2.63 -4.47 32.00
CA SER A 304 -2.40 -5.84 31.58
C SER A 304 -2.77 -5.99 30.11
N VAL A 305 -1.96 -6.74 29.37
CA VAL A 305 -2.18 -6.97 27.95
C VAL A 305 -3.06 -8.21 27.79
N ILE A 306 -4.17 -8.05 27.09
CA ILE A 306 -5.13 -9.13 26.89
C ILE A 306 -4.68 -9.95 25.68
N LEU A 307 -4.27 -11.19 25.93
CA LEU A 307 -3.84 -12.07 24.86
C LEU A 307 -5.05 -12.77 24.23
N GLY A 308 -4.99 -12.96 22.92
CA GLY A 308 -6.05 -13.66 22.21
C GLY A 308 -5.57 -14.94 21.55
N ALA A 309 -4.94 -15.81 22.34
CA ALA A 309 -4.37 -17.04 21.84
C ALA A 309 -5.42 -18.14 21.72
N ARG A 310 -5.32 -18.94 20.66
CA ARG A 310 -6.28 -19.99 20.37
C ARG A 310 -5.74 -21.40 20.58
N THR A 311 -4.41 -21.56 20.63
CA THR A 311 -3.78 -22.86 20.83
C THR A 311 -2.82 -22.79 22.00
N PRO A 312 -2.53 -23.94 22.62
CA PRO A 312 -1.51 -23.96 23.68
C PRO A 312 -0.15 -23.49 23.19
N GLU A 313 0.21 -23.81 21.96
CA GLU A 313 1.53 -23.43 21.45
C GLU A 313 1.69 -21.92 21.39
N GLN A 314 0.72 -21.22 20.78
CA GLN A 314 0.84 -19.77 20.65
C GLN A 314 0.61 -19.05 21.96
N LEU A 315 -0.12 -19.66 22.90
CA LEU A 315 -0.24 -19.07 24.23
C LEU A 315 1.11 -19.06 24.94
N ALA A 316 1.82 -20.19 24.91
CA ALA A 316 3.14 -20.26 25.53
C ALA A 316 4.08 -19.22 24.92
N ASP A 317 4.14 -19.15 23.59
CA ASP A 317 4.99 -18.16 22.94
C ASP A 317 4.64 -16.76 23.40
N ASN A 318 3.36 -16.41 23.37
CA ASN A 318 2.94 -15.06 23.75
C ASN A 318 3.32 -14.76 25.19
N LEU A 319 3.06 -15.70 26.11
CA LEU A 319 3.43 -15.47 27.50
C LEU A 319 4.94 -15.33 27.67
N GLY A 320 5.71 -15.94 26.78
CA GLY A 320 7.15 -15.75 26.78
C GLY A 320 7.60 -14.32 26.50
N ALA A 321 6.69 -13.48 25.98
CA ALA A 321 7.03 -12.08 25.76
C ALA A 321 7.44 -11.37 27.05
N MET A 322 7.00 -11.88 28.21
CA MET A 322 7.33 -11.23 29.46
C MET A 322 8.83 -11.21 29.72
N LYS A 323 9.55 -12.22 29.24
CA LYS A 323 10.99 -12.31 29.44
C LYS A 323 11.79 -11.58 28.37
N VAL A 324 11.11 -10.82 27.51
CA VAL A 324 11.77 -10.07 26.44
C VAL A 324 11.82 -8.60 26.87
N GLU A 325 13.03 -8.11 27.11
CA GLU A 325 13.25 -6.72 27.50
C GLU A 325 13.85 -5.97 26.31
N LEU A 326 13.01 -5.24 25.59
CA LEU A 326 13.48 -4.48 24.44
C LEU A 326 14.47 -3.41 24.87
N SER A 327 15.49 -3.20 24.04
CA SER A 327 16.50 -2.20 24.34
C SER A 327 15.91 -0.79 24.16
N GLY A 328 16.66 0.21 24.65
CA GLY A 328 16.24 1.58 24.46
C GLY A 328 16.10 1.93 22.99
N GLU A 329 17.10 1.57 22.19
CA GLU A 329 17.05 1.87 20.76
C GLU A 329 15.88 1.16 20.09
N GLU A 330 15.68 -0.12 20.43
CA GLU A 330 14.60 -0.88 19.80
C GLU A 330 13.24 -0.27 20.12
N MET A 331 13.01 0.09 21.38
CA MET A 331 11.74 0.70 21.75
C MET A 331 11.53 2.02 21.02
N ALA A 332 12.59 2.82 20.90
CA ALA A 332 12.48 4.09 20.19
C ALA A 332 12.23 3.88 18.70
N ARG A 333 12.89 2.88 18.11
CA ARG A 333 12.70 2.62 16.68
C ARG A 333 11.27 2.19 16.41
N LEU A 334 10.70 1.35 17.28
CA LEU A 334 9.31 0.95 17.10
C LEU A 334 8.35 2.10 17.34
N ASN A 335 8.64 2.94 18.33
CA ASN A 335 7.76 4.07 18.62
C ASN A 335 7.69 5.04 17.45
N GLU A 336 8.85 5.34 16.84
CA GLU A 336 8.88 6.34 15.77
C GLU A 336 8.21 5.81 14.50
N VAL A 337 8.46 4.55 14.15
CA VAL A 337 7.93 4.02 12.90
C VAL A 337 6.42 3.82 12.96
N SER A 338 5.86 3.68 14.17
CA SER A 338 4.43 3.47 14.34
C SER A 338 3.72 4.69 14.91
N ALA A 339 4.39 5.83 14.96
CA ALA A 339 3.79 7.01 15.57
C ALA A 339 2.57 7.47 14.77
N PRO A 340 1.48 7.84 15.44
CA PRO A 340 0.33 8.42 14.72
C PRO A 340 0.72 9.75 14.09
N GLN A 341 0.00 10.10 13.03
CA GLN A 341 0.28 11.32 12.26
C GLN A 341 -1.03 11.99 11.89
N PRO A 342 -1.67 12.65 12.83
CA PRO A 342 -2.88 13.43 12.53
C PRO A 342 -2.49 14.82 12.04
N LEU A 343 -3.51 15.59 11.65
CA LEU A 343 -3.29 16.99 11.31
C LEU A 343 -2.66 17.71 12.50
N ASP A 344 -1.94 18.80 12.20
CA ASP A 344 -1.22 19.51 13.26
C ASP A 344 -2.16 19.97 14.36
N TYR A 345 -3.34 20.46 13.99
CA TYR A 345 -4.34 20.86 14.96
C TYR A 345 -5.55 19.95 14.86
N PRO A 346 -6.10 19.48 16.00
CA PRO A 346 -5.56 19.85 17.31
C PRO A 346 -4.55 18.85 17.89
N TYR A 347 -4.54 17.63 17.36
CA TYR A 347 -3.78 16.54 17.98
C TYR A 347 -2.34 16.43 17.46
N GLY A 348 -2.01 17.08 16.36
CA GLY A 348 -0.68 16.98 15.79
C GLY A 348 0.36 17.74 16.60
N LYS A 349 1.58 17.78 16.04
CA LYS A 349 2.69 18.41 16.74
C LYS A 349 2.41 19.88 17.04
N GLY A 350 1.81 20.58 16.08
CA GLY A 350 1.49 21.99 16.27
C GLY A 350 0.62 22.24 17.48
N GLY A 351 -0.57 21.62 17.51
CA GLY A 351 -1.45 21.80 18.64
C GLY A 351 -0.84 21.40 19.97
N ILE A 352 0.09 20.44 19.95
CA ILE A 352 0.75 20.03 21.18
C ILE A 352 1.69 21.12 21.68
N ASN A 353 2.55 21.63 20.80
CA ASN A 353 3.47 22.69 21.19
C ASN A 353 2.72 23.95 21.63
N GLN A 354 1.54 24.19 21.06
CA GLN A 354 0.77 25.36 21.45
C GLN A 354 0.35 25.28 22.92
N ARG A 355 -0.18 24.14 23.33
CA ARG A 355 -0.66 23.96 24.70
C ARG A 355 0.47 23.77 25.70
N HIS A 356 1.67 23.42 25.23
CA HIS A 356 2.78 23.19 26.14
C HIS A 356 3.19 24.48 26.84
N ARG A 357 3.54 24.37 28.12
CA ARG A 357 4.01 25.50 28.92
C ARG A 357 5.40 25.18 29.45
N LYS A 358 6.40 25.89 28.94
CA LYS A 358 7.75 25.75 29.48
C LYS A 358 7.76 26.19 30.95
N ILE A 359 8.36 25.37 31.81
CA ILE A 359 8.43 25.72 33.21
C ILE A 359 9.30 26.95 33.44
N GLU A 360 10.17 27.27 32.49
CA GLU A 360 11.02 28.46 32.62
C GLU A 360 10.34 29.72 32.14
N GLY A 361 9.28 29.60 31.34
CA GLY A 361 8.60 30.76 30.77
C GLY A 361 8.98 30.97 29.32
N GLY A 362 8.40 32.01 28.75
CA GLY A 362 8.62 32.33 27.34
C GLY A 362 7.95 31.32 26.42
N ARG A 363 7.68 31.73 25.19
CA ARG A 363 6.98 30.86 24.24
C ARG A 363 7.91 29.79 23.68
N GLY B 18 35.53 8.80 -3.03
CA GLY B 18 35.76 7.61 -3.83
C GLY B 18 36.75 6.64 -3.22
N SER B 19 36.57 6.35 -1.93
CA SER B 19 37.42 5.38 -1.25
C SER B 19 36.90 3.97 -1.50
N HIS B 20 37.81 3.06 -1.83
CA HIS B 20 37.45 1.67 -2.14
C HIS B 20 36.36 1.65 -3.22
N MET B 21 36.68 2.26 -4.36
CA MET B 21 35.72 2.42 -5.43
C MET B 21 35.22 1.07 -5.93
N ASP B 22 33.97 1.04 -6.37
CA ASP B 22 33.31 -0.18 -6.84
C ASP B 22 33.44 -0.22 -8.36
N TYR B 23 34.44 -0.95 -8.85
CA TYR B 23 34.68 -1.09 -10.28
C TYR B 23 34.08 -2.40 -10.79
N ARG B 24 33.45 -2.33 -11.95
CA ARG B 24 32.85 -3.50 -12.57
C ARG B 24 33.16 -3.49 -14.06
N LYS B 25 33.13 -4.69 -14.66
CA LYS B 25 33.34 -4.80 -16.09
C LYS B 25 32.10 -4.34 -16.85
N LEU B 26 32.33 -3.69 -17.99
CA LEU B 26 31.23 -3.26 -18.86
C LEU B 26 30.72 -4.48 -19.63
N GLY B 27 29.85 -5.24 -18.98
CA GLY B 27 29.38 -6.48 -19.53
C GLY B 27 30.51 -7.48 -19.69
N PRO B 28 30.63 -8.07 -20.87
CA PRO B 28 31.70 -9.04 -21.11
C PRO B 28 33.01 -8.45 -21.59
N SER B 29 33.11 -7.13 -21.71
CA SER B 29 34.24 -6.48 -22.34
C SER B 29 35.35 -6.17 -21.33
N GLY B 30 36.52 -5.84 -21.86
CA GLY B 30 37.67 -5.45 -21.06
C GLY B 30 37.64 -4.02 -20.56
N THR B 31 36.56 -3.29 -20.78
CA THR B 31 36.42 -1.94 -20.26
C THR B 31 35.81 -1.97 -18.87
N VAL B 32 36.26 -1.06 -18.00
CA VAL B 32 35.83 -1.01 -16.61
C VAL B 32 35.09 0.30 -16.38
N VAL B 33 33.99 0.23 -15.63
CA VAL B 33 33.23 1.41 -15.24
C VAL B 33 32.97 1.35 -13.74
N THR B 34 32.69 2.51 -13.17
CA THR B 34 32.28 2.59 -11.77
C THR B 34 30.85 2.11 -11.62
N ALA B 35 30.56 1.49 -10.47
CA ALA B 35 29.25 0.89 -10.25
C ALA B 35 28.11 1.91 -10.32
N TYR B 36 28.41 3.19 -10.37
CA TYR B 36 27.40 4.22 -10.50
C TYR B 36 27.69 5.10 -11.71
N CYS B 37 26.67 5.32 -12.53
CA CYS B 37 26.79 6.06 -13.77
C CYS B 37 25.96 7.34 -13.68
N LEU B 38 26.45 8.41 -14.30
CA LEU B 38 25.78 9.71 -14.24
C LEU B 38 24.76 9.80 -15.37
N GLY B 39 23.49 9.77 -15.02
CA GLY B 39 22.43 10.01 -16.00
C GLY B 39 22.26 11.50 -16.26
N THR B 40 22.17 11.85 -17.54
CA THR B 40 22.09 13.24 -17.97
C THR B 40 20.76 13.58 -18.60
N MET B 41 19.70 12.83 -18.28
CA MET B 41 18.39 13.10 -18.84
C MET B 41 17.87 14.48 -18.47
N THR B 42 18.39 15.09 -17.40
CA THR B 42 17.96 16.41 -16.98
C THR B 42 18.78 17.54 -17.59
N PHE B 43 19.88 17.22 -18.27
CA PHE B 43 20.76 18.26 -18.79
C PHE B 43 20.08 19.00 -19.94
N GLY B 44 19.87 20.30 -19.77
CA GLY B 44 19.14 21.09 -20.72
C GLY B 44 17.65 21.17 -20.48
N ALA B 45 17.15 20.55 -19.41
CA ALA B 45 15.74 20.59 -19.06
C ALA B 45 15.55 21.20 -17.68
N GLU B 46 15.55 20.37 -16.64
CA GLU B 46 15.49 20.90 -15.28
C GLU B 46 16.79 21.59 -14.90
N ALA B 47 17.92 21.05 -15.34
CA ALA B 47 19.23 21.62 -15.07
C ALA B 47 19.74 22.30 -16.33
N ASP B 48 20.03 23.60 -16.22
CA ASP B 48 20.59 24.33 -17.35
C ASP B 48 22.06 23.94 -17.52
N GLU B 49 22.70 24.52 -18.55
CA GLU B 49 24.09 24.18 -18.84
C GLU B 49 24.97 24.35 -17.60
N ALA B 50 24.85 25.49 -16.92
CA ALA B 50 25.67 25.73 -15.74
C ALA B 50 25.49 24.63 -14.71
N ALA B 51 24.25 24.37 -14.32
CA ALA B 51 23.99 23.35 -13.30
C ALA B 51 24.52 21.98 -13.74
N SER B 52 24.30 21.63 -15.00
CA SER B 52 24.77 20.33 -15.50
C SER B 52 26.28 20.21 -15.38
N HIS B 53 27.01 21.30 -15.62
CA HIS B 53 28.47 21.23 -15.53
C HIS B 53 28.93 21.02 -14.10
N LYS B 54 28.22 21.60 -13.13
CA LYS B 54 28.57 21.34 -11.73
C LYS B 54 28.34 19.88 -11.38
N LEU B 55 27.27 19.27 -11.89
CA LEU B 55 27.00 17.87 -11.60
C LEU B 55 28.08 16.96 -12.17
N LEU B 56 28.50 17.21 -13.41
CA LEU B 56 29.61 16.47 -13.98
C LEU B 56 30.87 16.64 -13.14
N ASP B 57 31.18 17.89 -12.78
CA ASP B 57 32.37 18.15 -11.96
C ASP B 57 32.31 17.38 -10.65
N ASP B 58 31.17 17.39 -9.97
CA ASP B 58 31.04 16.64 -8.72
C ASP B 58 31.22 15.15 -8.97
N TYR B 59 30.54 14.62 -9.99
CA TYR B 59 30.57 13.18 -10.24
C TYR B 59 31.99 12.68 -10.43
N PHE B 60 32.78 13.35 -11.29
CA PHE B 60 34.14 12.89 -11.54
C PHE B 60 35.04 13.11 -10.34
N ALA B 61 34.84 14.21 -9.61
CA ALA B 61 35.59 14.42 -8.38
C ALA B 61 35.40 13.26 -7.42
N TRP B 62 34.20 12.68 -7.40
CA TRP B 62 33.93 11.51 -6.58
C TRP B 62 34.70 10.28 -7.07
N GLY B 63 35.11 10.27 -8.34
CA GLY B 63 35.78 9.13 -8.93
C GLY B 63 35.02 8.44 -10.03
N GLY B 64 33.79 8.84 -10.35
CA GLY B 64 33.06 8.21 -11.42
C GLY B 64 33.71 8.43 -12.78
N ASN B 65 33.36 7.56 -13.73
CA ASN B 65 33.92 7.64 -15.07
C ASN B 65 32.92 7.27 -16.15
N PHE B 66 31.62 7.26 -15.83
CA PHE B 66 30.59 6.72 -16.72
C PHE B 66 29.51 7.78 -16.92
N ILE B 67 29.33 8.21 -18.17
CA ILE B 67 28.32 9.19 -18.53
C ILE B 67 27.33 8.55 -19.49
N ASP B 68 26.04 8.65 -19.18
CA ASP B 68 24.99 8.16 -20.04
C ASP B 68 24.15 9.32 -20.54
N THR B 69 23.84 9.32 -21.83
CA THR B 69 23.03 10.37 -22.44
C THR B 69 22.29 9.77 -23.63
N ALA B 70 21.46 10.59 -24.26
CA ALA B 70 20.68 10.16 -25.41
C ALA B 70 20.48 11.34 -26.34
N ASP B 71 20.41 11.05 -27.64
CA ASP B 71 20.27 12.13 -28.62
C ASP B 71 18.95 12.88 -28.45
N VAL B 72 17.91 12.19 -27.97
CA VAL B 72 16.60 12.82 -27.82
C VAL B 72 16.45 13.57 -26.49
N TYR B 73 17.42 13.46 -25.59
CA TYR B 73 17.36 14.23 -24.34
C TYR B 73 17.44 15.72 -24.65
N SER B 74 16.30 16.42 -24.56
CA SER B 74 16.22 17.85 -24.87
C SER B 74 16.73 18.12 -26.29
N ALA B 75 16.33 17.27 -27.23
CA ALA B 75 16.60 17.48 -28.66
C ALA B 75 18.07 17.78 -28.91
N GLY B 76 18.94 16.99 -28.28
CA GLY B 76 20.37 17.09 -28.50
C GLY B 76 21.11 18.06 -27.60
N LYS B 77 20.39 18.84 -26.78
CA LYS B 77 21.08 19.78 -25.91
C LYS B 77 21.82 19.06 -24.78
N SER B 78 21.29 17.92 -24.33
CA SER B 78 22.01 17.13 -23.34
C SER B 78 23.39 16.74 -23.84
N GLU B 79 23.47 16.26 -25.09
CA GLU B 79 24.76 15.90 -25.67
C GLU B 79 25.65 17.12 -25.84
N GLU B 80 25.09 18.23 -26.31
CA GLU B 80 25.89 19.44 -26.51
C GLU B 80 26.47 19.94 -25.19
N ILE B 81 25.68 19.89 -24.11
CA ILE B 81 26.21 20.26 -22.80
C ILE B 81 27.39 19.38 -22.44
N ILE B 82 27.23 18.06 -22.57
CA ILE B 82 28.31 17.14 -22.25
C ILE B 82 29.53 17.43 -23.12
N GLY B 83 29.32 17.64 -24.41
CA GLY B 83 30.44 17.89 -25.30
C GLY B 83 31.30 19.06 -24.86
N ARG B 84 30.66 20.14 -24.42
CA ARG B 84 31.41 21.32 -24.01
C ARG B 84 32.20 21.05 -22.73
N TRP B 85 31.58 20.36 -21.76
CA TRP B 85 32.30 20.00 -20.55
C TRP B 85 33.55 19.19 -20.87
N LEU B 86 33.42 18.20 -21.76
CA LEU B 86 34.57 17.42 -22.17
C LEU B 86 35.66 18.31 -22.76
N LYS B 87 35.26 19.33 -23.52
CA LYS B 87 36.25 20.26 -24.06
C LYS B 87 36.84 21.14 -22.96
N ALA B 88 36.00 21.58 -22.02
CA ALA B 88 36.49 22.44 -20.95
C ALA B 88 37.45 21.70 -20.03
N ARG B 89 37.14 20.45 -19.68
CA ARG B 89 37.97 19.70 -18.75
C ARG B 89 38.61 18.52 -19.45
N PRO B 90 39.77 18.73 -20.10
CA PRO B 90 40.36 17.65 -20.89
C PRO B 90 40.82 16.46 -20.07
N THR B 91 41.39 16.70 -18.90
CA THR B 91 41.95 15.60 -18.12
C THR B 91 40.87 14.60 -17.71
N GLU B 92 39.71 15.09 -17.26
CA GLU B 92 38.60 14.19 -16.99
C GLU B 92 38.08 13.56 -18.27
N ALA B 93 38.02 14.34 -19.35
CA ALA B 93 37.52 13.82 -20.62
C ALA B 93 38.27 12.56 -21.04
N ARG B 94 39.55 12.46 -20.70
CA ARG B 94 40.32 11.28 -21.04
C ARG B 94 39.91 10.06 -20.21
N GLN B 95 39.27 10.28 -19.06
CA GLN B 95 38.79 9.18 -18.24
C GLN B 95 37.37 8.76 -18.58
N ALA B 96 36.57 9.68 -19.11
CA ALA B 96 35.14 9.44 -19.27
C ALA B 96 34.86 8.36 -20.29
N ILE B 97 34.03 7.39 -19.89
CA ILE B 97 33.39 6.45 -20.80
C ILE B 97 32.02 7.01 -21.12
N VAL B 98 31.77 7.31 -22.40
CA VAL B 98 30.59 8.07 -22.83
C VAL B 98 29.67 7.14 -23.61
N ALA B 99 28.42 7.07 -23.17
CA ALA B 99 27.39 6.27 -23.83
C ALA B 99 26.23 7.18 -24.22
N THR B 100 25.67 6.93 -25.41
CA THR B 100 24.50 7.67 -25.87
C THR B 100 23.61 6.70 -26.63
N LYS B 101 22.54 7.23 -27.22
CA LYS B 101 21.50 6.38 -27.79
C LYS B 101 20.96 7.00 -29.07
N GLY B 102 20.37 6.13 -29.90
CA GLY B 102 19.61 6.58 -31.05
C GLY B 102 18.46 5.63 -31.28
N ARG B 103 17.33 6.19 -31.74
CA ARG B 103 16.12 5.42 -31.99
C ARG B 103 14.89 6.30 -32.11
N PHE B 104 14.73 7.23 -31.18
CA PHE B 104 13.49 7.98 -31.02
C PHE B 104 13.52 9.25 -31.85
N PRO B 105 12.36 9.87 -32.04
CA PRO B 105 12.24 10.93 -33.05
C PRO B 105 13.17 12.10 -32.79
N MET B 106 13.98 12.42 -33.79
CA MET B 106 14.73 13.67 -33.83
C MET B 106 14.16 14.55 -34.93
N GLY B 107 12.88 14.88 -34.81
CA GLY B 107 12.13 15.51 -35.88
C GLY B 107 10.88 14.72 -36.23
N ASN B 108 10.07 15.35 -37.08
CA ASN B 108 8.77 14.78 -37.44
C ASN B 108 8.82 13.89 -38.68
N GLY B 109 9.97 13.78 -39.33
CA GLY B 109 10.08 13.05 -40.57
C GLY B 109 9.90 11.55 -40.40
N PRO B 110 9.46 10.88 -41.47
CA PRO B 110 9.29 9.42 -41.39
C PRO B 110 10.59 8.66 -41.20
N ASN B 111 11.74 9.26 -41.52
CA ASN B 111 13.03 8.60 -41.35
C ASN B 111 13.92 9.34 -40.36
N ASP B 112 13.33 10.20 -39.54
CA ASP B 112 14.02 10.78 -38.37
C ASP B 112 13.85 9.90 -37.15
N ILE B 113 13.91 8.58 -37.32
CA ILE B 113 13.47 7.65 -36.30
C ILE B 113 13.84 6.24 -36.74
N GLY B 114 13.94 5.32 -35.79
CA GLY B 114 14.15 3.93 -36.09
C GLY B 114 15.61 3.52 -36.00
N LEU B 115 15.82 2.20 -36.05
CA LEU B 115 17.16 1.62 -36.08
C LEU B 115 17.62 1.31 -37.49
N SER B 116 17.07 2.01 -38.48
CA SER B 116 17.43 1.79 -39.87
C SER B 116 18.85 2.27 -40.15
N ARG B 117 19.44 1.72 -41.21
CA ARG B 117 20.74 2.21 -41.66
C ARG B 117 20.67 3.69 -42.04
N ARG B 118 19.54 4.09 -42.66
CA ARG B 118 19.41 5.47 -43.11
C ARG B 118 19.41 6.45 -41.94
N HIS B 119 18.71 6.12 -40.85
CA HIS B 119 18.62 7.07 -39.74
C HIS B 119 19.83 6.97 -38.81
N LEU B 120 20.31 5.76 -38.55
CA LEU B 120 21.40 5.60 -37.58
C LEU B 120 22.70 6.19 -38.11
N SER B 121 22.96 6.09 -39.42
CA SER B 121 24.16 6.71 -39.96
C SER B 121 24.14 8.23 -39.80
N GLN B 122 22.96 8.83 -39.89
CA GLN B 122 22.83 10.26 -39.64
C GLN B 122 22.77 10.57 -38.16
N ALA B 123 22.14 9.71 -37.37
CA ALA B 123 21.99 9.97 -35.94
C ALA B 123 23.30 9.75 -35.20
N LEU B 124 24.07 8.73 -35.57
CA LEU B 124 25.37 8.52 -34.96
C LEU B 124 26.30 9.70 -35.22
N ASP B 125 26.41 10.12 -36.49
CA ASP B 125 27.21 11.29 -36.81
C ASP B 125 26.76 12.51 -36.03
N ASP B 126 25.45 12.71 -35.92
CA ASP B 126 24.94 13.86 -35.18
C ASP B 126 25.33 13.81 -33.71
N SER B 127 25.28 12.63 -33.10
CA SER B 127 25.72 12.49 -31.72
C SER B 127 27.22 12.75 -31.59
N LEU B 128 28.01 12.23 -32.53
CA LEU B 128 29.45 12.52 -32.51
C LEU B 128 29.69 14.02 -32.55
N ARG B 129 29.03 14.72 -33.47
CA ARG B 129 29.24 16.17 -33.60
C ARG B 129 28.86 16.90 -32.32
N ARG B 130 27.65 16.67 -31.81
CA ARG B 130 27.21 17.37 -30.60
C ARG B 130 28.09 17.03 -29.40
N LEU B 131 28.57 15.78 -29.31
CA LEU B 131 29.45 15.39 -28.22
C LEU B 131 30.89 15.80 -28.46
N GLY B 132 31.25 16.19 -29.69
CA GLY B 132 32.62 16.57 -29.98
C GLY B 132 33.61 15.43 -29.88
N LEU B 133 33.18 14.21 -30.17
CA LEU B 133 34.00 13.02 -30.01
C LEU B 133 34.30 12.39 -31.36
N GLU B 134 35.52 11.88 -31.50
CA GLU B 134 35.87 11.05 -32.65
C GLU B 134 35.28 9.65 -32.55
N GLN B 135 34.94 9.21 -31.34
CA GLN B 135 34.41 7.87 -31.12
C GLN B 135 33.52 7.86 -29.89
N ILE B 136 32.38 7.18 -30.01
CA ILE B 136 31.46 6.98 -28.91
C ILE B 136 31.74 5.61 -28.29
N ASP B 137 31.86 5.57 -26.96
CA ASP B 137 32.26 4.33 -26.29
C ASP B 137 31.16 3.28 -26.38
N LEU B 138 29.95 3.64 -25.94
CA LEU B 138 28.82 2.71 -25.94
C LEU B 138 27.66 3.38 -26.66
N TYR B 139 27.35 2.88 -27.86
CA TYR B 139 26.21 3.34 -28.63
C TYR B 139 25.06 2.37 -28.42
N GLN B 140 23.94 2.88 -27.91
CA GLN B 140 22.84 2.04 -27.45
C GLN B 140 21.62 2.25 -28.32
N MET B 141 20.99 1.15 -28.73
CA MET B 141 19.69 1.21 -29.40
C MET B 141 18.63 1.55 -28.35
N HIS B 142 18.00 2.71 -28.50
CA HIS B 142 17.14 3.20 -27.44
C HIS B 142 15.92 2.31 -27.24
N ALA B 143 15.45 1.66 -28.31
CA ALA B 143 14.32 0.75 -28.20
C ALA B 143 14.26 -0.13 -29.42
N TRP B 144 13.60 -1.28 -29.28
CA TRP B 144 13.40 -2.18 -30.40
C TRP B 144 12.66 -1.46 -31.54
N ASP B 145 13.01 -1.83 -32.77
CA ASP B 145 12.35 -1.28 -33.96
C ASP B 145 11.86 -2.44 -34.82
N ALA B 146 10.58 -2.79 -34.64
CA ALA B 146 9.98 -3.87 -35.42
C ALA B 146 9.97 -3.57 -36.92
N LEU B 147 10.20 -2.33 -37.33
CA LEU B 147 10.20 -1.97 -38.74
C LEU B 147 11.55 -2.21 -39.42
N THR B 148 12.62 -2.37 -38.65
CA THR B 148 13.95 -2.58 -39.22
C THR B 148 14.42 -3.98 -38.89
N PRO B 149 14.80 -4.79 -39.88
CA PRO B 149 15.40 -6.09 -39.58
C PRO B 149 16.61 -5.92 -38.67
N ILE B 150 16.65 -6.68 -37.58
CA ILE B 150 17.79 -6.62 -36.68
C ILE B 150 19.09 -6.86 -37.45
N GLU B 151 19.02 -7.67 -38.51
CA GLU B 151 20.20 -7.87 -39.36
C GLU B 151 20.70 -6.54 -39.91
N GLU B 152 19.80 -5.69 -40.39
CA GLU B 152 20.21 -4.38 -40.90
C GLU B 152 20.89 -3.56 -39.81
N THR B 153 20.28 -3.51 -38.63
CA THR B 153 20.84 -2.72 -37.53
C THR B 153 22.20 -3.25 -37.11
N LEU B 154 22.33 -4.57 -36.98
CA LEU B 154 23.59 -5.15 -36.54
C LEU B 154 24.71 -4.95 -37.55
N ARG B 155 24.39 -4.96 -38.84
CA ARG B 155 25.41 -4.69 -39.86
C ARG B 155 25.91 -3.25 -39.76
N PHE B 156 25.01 -2.30 -39.51
CA PHE B 156 25.42 -0.91 -39.37
C PHE B 156 26.35 -0.76 -38.17
N LEU B 157 25.99 -1.34 -37.03
CA LEU B 157 26.83 -1.24 -35.85
C LEU B 157 28.21 -1.84 -36.10
N ASP B 158 28.26 -3.00 -36.74
CA ASP B 158 29.55 -3.64 -37.02
C ASP B 158 30.38 -2.78 -37.97
N ASP B 159 29.72 -2.15 -38.95
CA ASP B 159 30.44 -1.20 -39.80
C ASP B 159 30.97 -0.04 -38.98
N ALA B 160 30.21 0.41 -37.98
CA ALA B 160 30.66 1.51 -37.14
C ALA B 160 31.85 1.12 -36.27
N VAL B 161 31.88 -0.13 -35.81
CA VAL B 161 33.00 -0.59 -35.00
C VAL B 161 34.28 -0.58 -35.81
N SER B 162 34.23 -1.11 -37.03
CA SER B 162 35.43 -1.19 -37.86
C SER B 162 35.92 0.19 -38.27
N SER B 163 35.02 1.13 -38.52
CA SER B 163 35.42 2.49 -38.83
C SER B 163 35.90 3.26 -37.61
N GLY B 164 35.61 2.77 -36.40
CA GLY B 164 36.06 3.41 -35.19
C GLY B 164 35.11 4.44 -34.62
N LYS B 165 33.96 4.66 -35.24
CA LYS B 165 33.02 5.65 -34.72
C LYS B 165 32.44 5.24 -33.36
N ILE B 166 32.43 3.95 -33.04
CA ILE B 166 31.93 3.48 -31.75
C ILE B 166 32.81 2.33 -31.28
N GLY B 167 32.95 2.22 -29.96
CA GLY B 167 33.69 1.13 -29.37
C GLY B 167 32.83 -0.10 -29.13
N TYR B 168 31.71 0.08 -28.45
CA TYR B 168 30.79 -1.00 -28.14
C TYR B 168 29.36 -0.55 -28.44
N TYR B 169 28.44 -1.52 -28.43
CA TYR B 169 27.02 -1.23 -28.60
C TYR B 169 26.23 -2.08 -27.61
N GLY B 170 25.01 -1.61 -27.33
CA GLY B 170 24.13 -2.29 -26.40
C GLY B 170 22.70 -1.97 -26.74
N PHE B 171 21.79 -2.48 -25.92
CA PHE B 171 20.37 -2.37 -26.17
C PHE B 171 19.66 -1.65 -25.03
N SER B 172 18.45 -1.20 -25.32
CA SER B 172 17.53 -0.67 -24.32
C SER B 172 16.11 -0.93 -24.82
N ASN B 173 15.22 -1.22 -23.89
CA ASN B 173 13.85 -1.58 -24.23
C ASN B 173 13.83 -2.75 -25.22
N TYR B 174 14.60 -3.79 -24.88
CA TYR B 174 14.59 -5.07 -25.58
C TYR B 174 14.02 -6.11 -24.64
N VAL B 175 13.28 -7.08 -25.21
CA VAL B 175 12.73 -8.15 -24.40
C VAL B 175 13.57 -9.41 -24.57
N GLY B 176 13.18 -10.48 -23.88
CA GLY B 176 13.93 -11.72 -23.88
C GLY B 176 14.38 -12.21 -25.24
N TRP B 177 13.43 -12.48 -26.14
CA TRP B 177 13.80 -13.03 -27.44
C TRP B 177 14.49 -11.99 -28.32
N HIS B 178 14.22 -10.70 -28.09
CA HIS B 178 15.01 -9.67 -28.72
C HIS B 178 16.49 -9.84 -28.40
N ILE B 179 16.81 -9.97 -27.11
CA ILE B 179 18.21 -10.01 -26.68
C ILE B 179 18.90 -11.26 -27.21
N ALA B 180 18.23 -12.41 -27.13
CA ALA B 180 18.84 -13.64 -27.59
C ALA B 180 19.03 -13.63 -29.10
N LYS B 181 18.00 -13.21 -29.84
CA LYS B 181 18.10 -13.22 -31.30
C LYS B 181 19.27 -12.36 -31.77
N ALA B 182 19.31 -11.09 -31.33
CA ALA B 182 20.40 -10.22 -31.73
C ALA B 182 21.76 -10.80 -31.33
N SER B 183 21.87 -11.24 -30.06
CA SER B 183 23.12 -11.81 -29.58
C SER B 183 23.61 -12.95 -30.46
N GLU B 184 22.70 -13.87 -30.83
CA GLU B 184 23.11 -15.04 -31.58
C GLU B 184 23.39 -14.73 -33.05
N ILE B 185 22.69 -13.75 -33.62
CA ILE B 185 22.98 -13.39 -35.01
C ILE B 185 24.36 -12.74 -35.11
N ALA B 186 24.71 -11.90 -34.14
CA ALA B 186 26.04 -11.29 -34.13
C ALA B 186 27.13 -12.35 -34.08
N LYS B 187 26.98 -13.35 -33.20
CA LYS B 187 27.94 -14.45 -33.17
C LYS B 187 28.01 -15.16 -34.51
N ALA B 188 26.85 -15.39 -35.14
CA ALA B 188 26.82 -16.13 -36.39
C ALA B 188 27.45 -15.34 -37.53
N ARG B 189 27.41 -14.01 -37.47
CA ARG B 189 27.93 -13.17 -38.53
C ARG B 189 29.35 -12.69 -38.27
N GLY B 190 29.96 -13.08 -37.15
CA GLY B 190 31.28 -12.61 -36.81
C GLY B 190 31.34 -11.21 -36.27
N TYR B 191 30.20 -10.60 -35.96
CA TYR B 191 30.19 -9.27 -35.38
C TYR B 191 30.67 -9.31 -33.93
N THR B 192 30.97 -8.13 -33.38
CA THR B 192 31.28 -8.04 -31.96
C THR B 192 30.03 -8.28 -31.14
N ARG B 193 30.24 -8.72 -29.91
CA ARG B 193 29.09 -9.04 -29.09
C ARG B 193 28.57 -7.82 -28.35
N PRO B 194 27.26 -7.74 -28.12
CA PRO B 194 26.70 -6.64 -27.32
C PRO B 194 27.13 -6.76 -25.87
N VAL B 195 27.21 -5.61 -25.20
CA VAL B 195 27.76 -5.52 -23.86
C VAL B 195 26.69 -5.32 -22.80
N THR B 196 25.66 -4.51 -23.08
CA THR B 196 24.75 -4.11 -22.02
C THR B 196 23.30 -4.02 -22.52
N LEU B 197 22.38 -4.14 -21.57
CA LEU B 197 21.00 -3.70 -21.69
C LEU B 197 20.78 -2.60 -20.66
N GLN B 198 20.04 -1.56 -21.04
CA GLN B 198 19.71 -0.46 -20.13
C GLN B 198 18.23 -0.53 -19.80
N PRO B 199 17.83 -1.30 -18.80
CA PRO B 199 16.40 -1.45 -18.49
C PRO B 199 15.94 -0.49 -17.41
N GLN B 200 14.66 -0.13 -17.47
CA GLN B 200 14.02 0.55 -16.36
C GLN B 200 13.80 -0.47 -15.25
N TYR B 201 14.54 -0.34 -14.15
CA TYR B 201 14.62 -1.39 -13.16
C TYR B 201 14.75 -0.79 -11.77
N ASN B 202 13.86 -1.19 -10.87
CA ASN B 202 13.88 -0.71 -9.48
C ASN B 202 13.00 -1.64 -8.65
N LEU B 203 12.92 -1.33 -7.35
CA LEU B 203 12.12 -2.16 -6.44
C LEU B 203 10.66 -2.20 -6.86
N LEU B 204 10.17 -1.16 -7.53
CA LEU B 204 8.77 -1.12 -7.94
C LEU B 204 8.53 -1.87 -9.24
N MET B 205 9.54 -2.00 -10.10
CA MET B 205 9.39 -2.61 -11.42
C MET B 205 10.49 -3.65 -11.59
N ARG B 206 10.14 -4.92 -11.40
CA ARG B 206 11.10 -6.03 -11.49
C ARG B 206 10.71 -7.06 -12.54
N ASP B 207 9.84 -6.70 -13.49
CA ASP B 207 9.32 -7.70 -14.43
C ASP B 207 10.37 -8.16 -15.43
N ILE B 208 11.46 -7.41 -15.63
CA ILE B 208 12.52 -7.90 -16.50
C ILE B 208 13.13 -9.18 -15.94
N GLU B 209 12.90 -9.47 -14.66
CA GLU B 209 13.39 -10.70 -14.06
C GLU B 209 12.63 -11.93 -14.51
N LEU B 210 11.46 -11.77 -15.14
CA LEU B 210 10.70 -12.93 -15.59
C LEU B 210 11.52 -13.80 -16.53
N GLU B 211 12.30 -13.18 -17.42
CA GLU B 211 13.21 -13.94 -18.27
C GLU B 211 14.27 -13.05 -18.91
N ILE B 212 14.06 -11.73 -18.88
CA ILE B 212 14.98 -10.84 -19.58
C ILE B 212 16.35 -10.83 -18.91
N VAL B 213 16.39 -10.80 -17.57
CA VAL B 213 17.67 -10.86 -16.87
C VAL B 213 18.42 -12.14 -17.24
N ALA B 214 17.72 -13.28 -17.20
CA ALA B 214 18.35 -14.54 -17.55
C ALA B 214 18.85 -14.54 -18.99
N ALA B 215 18.11 -13.88 -19.88
CA ALA B 215 18.56 -13.78 -21.27
C ALA B 215 19.88 -13.01 -21.36
N CYS B 216 20.02 -11.95 -20.55
CA CYS B 216 21.26 -11.20 -20.53
C CYS B 216 22.39 -12.05 -19.97
N GLN B 217 22.15 -12.70 -18.82
CA GLN B 217 23.16 -13.56 -18.23
C GLN B 217 23.62 -14.65 -19.19
N ASP B 218 22.71 -15.14 -20.04
CA ASP B 218 23.10 -16.12 -21.04
C ASP B 218 24.07 -15.52 -22.06
N ALA B 219 23.80 -14.29 -22.50
CA ALA B 219 24.67 -13.63 -23.46
C ALA B 219 25.85 -12.91 -22.83
N GLY B 220 26.01 -13.03 -21.52
CA GLY B 220 27.11 -12.36 -20.85
C GLY B 220 26.98 -10.85 -20.73
N MET B 221 25.82 -10.31 -21.06
CA MET B 221 25.62 -8.86 -21.02
C MET B 221 25.40 -8.40 -19.58
N GLY B 222 25.78 -7.14 -19.33
CA GLY B 222 25.51 -6.50 -18.06
C GLY B 222 24.31 -5.58 -18.16
N LEU B 223 23.82 -5.15 -16.99
CA LEU B 223 22.64 -4.31 -16.90
C LEU B 223 23.03 -2.90 -16.49
N LEU B 224 22.38 -1.91 -17.13
CA LEU B 224 22.53 -0.50 -16.80
C LEU B 224 21.16 0.01 -16.36
N PRO B 225 20.72 -0.35 -15.17
CA PRO B 225 19.36 0.03 -14.74
C PRO B 225 19.23 1.55 -14.64
N TRP B 226 18.11 2.06 -15.14
CA TRP B 226 17.79 3.47 -15.03
C TRP B 226 16.45 3.64 -14.30
N SER B 227 16.29 4.80 -13.68
CA SER B 227 15.17 5.07 -12.78
C SER B 227 15.28 4.18 -11.55
N PRO B 228 16.46 4.07 -10.93
CA PRO B 228 16.58 3.19 -9.76
C PRO B 228 15.77 3.65 -8.56
N LEU B 229 15.33 4.90 -8.55
CA LEU B 229 14.51 5.44 -7.47
C LEU B 229 13.05 5.56 -7.86
N GLY B 230 12.63 4.92 -8.94
CA GLY B 230 11.25 5.01 -9.38
C GLY B 230 10.79 6.44 -9.64
N GLY B 231 11.67 7.25 -10.20
CA GLY B 231 11.36 8.65 -10.45
C GLY B 231 11.16 9.50 -9.21
N GLY B 232 11.40 8.95 -8.02
CA GLY B 232 11.22 9.70 -6.79
C GLY B 232 10.33 9.03 -5.78
N TRP B 233 9.48 8.11 -6.24
CA TRP B 233 8.57 7.43 -5.33
C TRP B 233 9.28 6.54 -4.33
N LEU B 234 10.54 6.19 -4.59
CA LEU B 234 11.31 5.35 -3.68
C LEU B 234 12.19 6.15 -2.72
N THR B 235 12.13 7.48 -2.78
CA THR B 235 12.87 8.33 -1.85
C THR B 235 11.98 8.97 -0.80
N GLY B 236 10.66 8.78 -0.88
CA GLY B 236 9.76 9.27 0.14
C GLY B 236 9.69 10.78 0.23
N LYS B 237 9.56 11.44 -0.91
CA LYS B 237 9.41 12.90 -0.94
C LYS B 237 9.29 13.41 -2.38
N ALA B 266 -1.94 -4.71 -6.67
CA ALA B 266 -2.27 -3.40 -7.21
C ALA B 266 -1.32 -2.34 -6.66
N GLN B 267 -1.90 -1.27 -6.11
CA GLN B 267 -1.10 -0.24 -5.46
C GLN B 267 -0.65 -0.65 -4.07
N GLU B 268 -1.35 -1.57 -3.43
CA GLU B 268 -0.94 -2.03 -2.10
C GLU B 268 0.49 -2.55 -2.11
N ARG B 269 0.86 -3.31 -3.14
CA ARG B 269 2.24 -3.76 -3.27
C ARG B 269 3.18 -2.57 -3.32
N THR B 270 2.78 -1.49 -3.99
CA THR B 270 3.61 -0.29 -4.06
C THR B 270 3.86 0.28 -2.67
N TRP B 271 2.80 0.45 -1.88
CA TRP B 271 2.96 1.04 -0.56
C TRP B 271 3.75 0.14 0.37
N ALA B 272 3.58 -1.19 0.25
CA ALA B 272 4.34 -2.11 1.08
C ALA B 272 5.83 -2.00 0.79
N ILE B 273 6.20 -1.91 -0.49
CA ILE B 273 7.60 -1.76 -0.86
C ILE B 273 8.17 -0.47 -0.27
N ILE B 274 7.48 0.66 -0.50
CA ILE B 274 7.97 1.94 -0.02
C ILE B 274 8.14 1.91 1.50
N GLY B 275 7.14 1.37 2.21
CA GLY B 275 7.24 1.29 3.66
C GLY B 275 8.39 0.42 4.12
N THR B 276 8.69 -0.66 3.38
CA THR B 276 9.85 -1.49 3.71
C THR B 276 11.14 -0.69 3.57
N VAL B 277 11.30 0.00 2.44
CA VAL B 277 12.46 0.86 2.25
C VAL B 277 12.57 1.87 3.38
N GLU B 278 11.42 2.44 3.78
CA GLU B 278 11.42 3.44 4.83
C GLU B 278 11.95 2.86 6.15
N GLU B 279 11.47 1.68 6.52
CA GLU B 279 11.87 1.08 7.79
C GLU B 279 13.37 0.75 7.79
N ILE B 280 13.90 0.33 6.64
CA ILE B 280 15.31 -0.05 6.59
C ILE B 280 16.20 1.18 6.67
N ALA B 281 15.81 2.27 6.01
CA ALA B 281 16.61 3.48 6.04
C ALA B 281 16.77 4.01 7.47
N LYS B 282 15.69 3.98 8.25
CA LYS B 282 15.80 4.40 9.64
C LYS B 282 16.61 3.41 10.46
N ALA B 283 16.56 2.12 10.11
CA ALA B 283 17.32 1.13 10.85
C ALA B 283 18.81 1.40 10.79
N ARG B 284 19.31 1.83 9.62
CA ARG B 284 20.74 2.03 9.40
C ARG B 284 21.11 3.51 9.34
N GLY B 285 20.20 4.41 9.69
CA GLY B 285 20.50 5.82 9.70
C GLY B 285 21.02 6.34 8.37
N VAL B 286 20.34 6.02 7.28
CA VAL B 286 20.69 6.48 5.94
C VAL B 286 19.42 6.88 5.21
N SER B 287 19.60 7.46 4.03
CA SER B 287 18.47 7.90 3.22
C SER B 287 17.74 6.71 2.61
N MET B 288 16.43 6.87 2.46
CA MET B 288 15.65 5.89 1.70
C MET B 288 16.24 5.69 0.31
N ALA B 289 16.63 6.80 -0.34
CA ALA B 289 17.25 6.72 -1.65
C ALA B 289 18.51 5.85 -1.59
N GLN B 290 19.30 5.97 -0.52
CA GLN B 290 20.50 5.16 -0.40
C GLN B 290 20.15 3.68 -0.24
N VAL B 291 19.06 3.38 0.48
CA VAL B 291 18.60 2.00 0.58
C VAL B 291 18.23 1.46 -0.80
N ALA B 292 17.38 2.20 -1.52
CA ALA B 292 16.93 1.75 -2.83
C ALA B 292 18.10 1.58 -3.78
N LEU B 293 19.08 2.48 -3.71
CA LEU B 293 20.23 2.38 -4.60
C LEU B 293 21.12 1.20 -4.23
N ALA B 294 21.40 1.02 -2.94
CA ALA B 294 22.18 -0.13 -2.50
C ALA B 294 21.55 -1.43 -2.98
N TRP B 295 20.23 -1.55 -2.85
CA TRP B 295 19.53 -2.74 -3.33
C TRP B 295 19.78 -2.96 -4.82
N THR B 296 19.60 -1.92 -5.63
CA THR B 296 19.73 -2.06 -7.08
C THR B 296 21.14 -2.48 -7.45
N ALA B 297 22.16 -1.90 -6.82
CA ALA B 297 23.53 -2.22 -7.16
C ALA B 297 23.91 -3.66 -6.82
N ALA B 298 23.22 -4.27 -5.87
CA ALA B 298 23.54 -5.63 -5.44
C ALA B 298 22.79 -6.70 -6.23
N ARG B 299 21.83 -6.32 -7.06
CA ARG B 299 21.04 -7.29 -7.80
C ARG B 299 21.89 -8.00 -8.84
N PRO B 300 21.48 -9.20 -9.25
CA PRO B 300 22.28 -9.96 -10.22
C PRO B 300 22.44 -9.24 -11.55
N ALA B 301 23.65 -9.29 -12.09
CA ALA B 301 24.01 -8.83 -13.43
C ALA B 301 24.13 -7.32 -13.55
N ILE B 302 24.10 -6.58 -12.44
CA ILE B 302 24.19 -5.13 -12.53
C ILE B 302 25.63 -4.72 -12.81
N THR B 303 25.83 -4.01 -13.91
CA THR B 303 27.14 -3.44 -14.22
C THR B 303 27.31 -2.06 -13.60
N SER B 304 26.33 -1.17 -13.78
CA SER B 304 26.36 0.16 -13.21
C SER B 304 24.93 0.66 -13.05
N VAL B 305 24.72 1.52 -12.06
CA VAL B 305 23.41 2.09 -11.77
C VAL B 305 23.39 3.52 -12.29
N ILE B 306 22.46 3.81 -13.21
CA ILE B 306 22.38 5.11 -13.84
C ILE B 306 21.60 6.05 -12.92
N LEU B 307 22.30 7.03 -12.34
CA LEU B 307 21.68 7.98 -11.44
C LEU B 307 21.06 9.15 -12.20
N GLY B 308 19.86 9.53 -11.81
CA GLY B 308 19.21 10.68 -12.39
C GLY B 308 19.21 11.88 -11.47
N ALA B 309 20.38 12.22 -10.93
CA ALA B 309 20.48 13.32 -9.97
C ALA B 309 20.21 14.65 -10.65
N ARG B 310 19.37 15.46 -10.01
CA ARG B 310 19.01 16.78 -10.54
C ARG B 310 19.77 17.92 -9.87
N THR B 311 20.28 17.72 -8.66
CA THR B 311 20.98 18.75 -7.92
C THR B 311 22.21 18.16 -7.27
N PRO B 312 23.20 19.00 -6.92
CA PRO B 312 24.41 18.46 -6.28
C PRO B 312 24.14 17.70 -5.00
N GLU B 313 23.19 18.16 -4.18
CA GLU B 313 22.91 17.49 -2.92
C GLU B 313 22.36 16.09 -3.16
N GLN B 314 21.45 15.93 -4.11
CA GLN B 314 20.95 14.60 -4.45
C GLN B 314 22.07 13.71 -4.96
N LEU B 315 22.94 14.26 -5.81
CA LEU B 315 24.06 13.49 -6.34
C LEU B 315 24.96 13.00 -5.21
N ALA B 316 25.35 13.90 -4.30
CA ALA B 316 26.20 13.51 -3.19
C ALA B 316 25.54 12.44 -2.34
N ASP B 317 24.23 12.56 -2.12
CA ASP B 317 23.52 11.58 -1.31
C ASP B 317 23.47 10.22 -1.97
N ASN B 318 23.04 10.18 -3.24
CA ASN B 318 22.94 8.91 -3.95
C ASN B 318 24.29 8.21 -3.99
N LEU B 319 25.34 8.90 -4.42
CA LEU B 319 26.66 8.29 -4.47
C LEU B 319 27.05 7.68 -3.13
N GLY B 320 26.58 8.27 -2.03
CA GLY B 320 26.84 7.70 -0.72
C GLY B 320 26.32 6.28 -0.56
N ALA B 321 25.44 5.84 -1.46
CA ALA B 321 24.93 4.48 -1.40
C ALA B 321 26.03 3.43 -1.59
N MET B 322 27.16 3.82 -2.20
CA MET B 322 28.22 2.84 -2.44
C MET B 322 28.80 2.31 -1.14
N LYS B 323 28.75 3.09 -0.06
CA LYS B 323 29.25 2.66 1.23
C LYS B 323 28.17 2.02 2.10
N VAL B 324 26.95 1.87 1.59
CA VAL B 324 25.85 1.31 2.35
C VAL B 324 25.76 -0.18 2.06
N GLU B 325 26.00 -1.00 3.08
CA GLU B 325 25.95 -2.46 2.98
C GLU B 325 24.66 -2.95 3.65
N LEU B 326 23.67 -3.32 2.83
CA LEU B 326 22.45 -3.90 3.37
C LEU B 326 22.73 -5.31 3.90
N SER B 327 22.19 -5.59 5.09
CA SER B 327 22.34 -6.92 5.65
C SER B 327 21.57 -7.95 4.82
N GLY B 328 22.06 -9.19 4.88
CA GLY B 328 21.35 -10.26 4.19
C GLY B 328 19.89 -10.34 4.60
N GLU B 329 19.61 -10.09 5.88
CA GLU B 329 18.23 -10.08 6.34
C GLU B 329 17.45 -8.93 5.73
N GLU B 330 18.04 -7.74 5.69
CA GLU B 330 17.36 -6.59 5.07
C GLU B 330 17.21 -6.80 3.57
N MET B 331 18.22 -7.36 2.91
CA MET B 331 18.12 -7.61 1.49
C MET B 331 17.05 -8.65 1.18
N ALA B 332 16.93 -9.67 2.03
CA ALA B 332 15.94 -10.72 1.79
C ALA B 332 14.52 -10.19 1.88
N ARG B 333 14.28 -9.23 2.78
CA ARG B 333 12.92 -8.69 2.91
C ARG B 333 12.57 -7.76 1.75
N LEU B 334 13.55 -7.01 1.25
CA LEU B 334 13.31 -6.20 0.06
C LEU B 334 13.00 -7.08 -1.14
N ASN B 335 13.82 -8.11 -1.37
CA ASN B 335 13.51 -9.08 -2.40
C ASN B 335 12.13 -9.69 -2.19
N GLU B 336 11.79 -9.99 -0.94
CA GLU B 336 10.54 -10.68 -0.64
C GLU B 336 9.33 -9.81 -0.96
N VAL B 337 9.33 -8.57 -0.44
CA VAL B 337 8.13 -7.74 -0.54
C VAL B 337 7.90 -7.26 -1.97
N SER B 338 8.96 -7.09 -2.76
CA SER B 338 8.85 -6.58 -4.12
C SER B 338 8.92 -7.68 -5.18
N ALA B 339 8.85 -8.94 -4.78
CA ALA B 339 9.00 -10.03 -5.73
C ALA B 339 7.91 -9.97 -6.79
N PRO B 340 8.25 -10.09 -8.07
CA PRO B 340 7.21 -10.09 -9.11
C PRO B 340 6.26 -11.27 -8.92
N GLN B 341 4.97 -10.99 -9.09
CA GLN B 341 3.93 -12.00 -8.88
C GLN B 341 3.25 -12.37 -10.19
N PRO B 342 3.93 -13.12 -11.06
CA PRO B 342 3.30 -13.52 -12.32
C PRO B 342 2.45 -14.76 -12.13
N LEU B 343 1.68 -15.08 -13.18
CA LEU B 343 0.96 -16.34 -13.19
C LEU B 343 1.94 -17.49 -12.98
N ASP B 344 1.45 -18.58 -12.39
CA ASP B 344 2.31 -19.73 -12.13
C ASP B 344 3.01 -20.18 -13.40
N TYR B 345 2.33 -20.10 -14.54
CA TYR B 345 2.91 -20.47 -15.82
C TYR B 345 2.82 -19.30 -16.80
N PRO B 346 3.89 -19.04 -17.57
CA PRO B 346 5.13 -19.81 -17.56
C PRO B 346 6.20 -19.31 -16.60
N TYR B 347 6.04 -18.11 -16.04
CA TYR B 347 7.09 -17.48 -15.26
C TYR B 347 6.94 -17.64 -13.76
N GLY B 348 5.72 -17.87 -13.26
CA GLY B 348 5.51 -18.03 -11.84
C GLY B 348 6.26 -19.20 -11.24
N LYS B 349 5.98 -19.53 -9.99
CA LYS B 349 6.69 -20.63 -9.33
C LYS B 349 6.43 -21.95 -10.05
N GLY B 350 5.22 -22.13 -10.59
CA GLY B 350 4.91 -23.35 -11.31
C GLY B 350 5.87 -23.63 -12.45
N GLY B 351 6.00 -22.67 -13.37
CA GLY B 351 6.85 -22.90 -14.53
C GLY B 351 8.31 -23.07 -14.16
N ILE B 352 8.80 -22.28 -13.20
CA ILE B 352 10.19 -22.40 -12.78
C ILE B 352 10.48 -23.81 -12.28
N ASN B 353 9.60 -24.34 -11.45
CA ASN B 353 9.80 -25.69 -10.92
C ASN B 353 9.74 -26.74 -12.01
N GLN B 354 8.83 -26.58 -12.98
CA GLN B 354 8.71 -27.55 -14.06
C GLN B 354 9.97 -27.60 -14.92
N ARG B 355 10.59 -26.43 -15.16
CA ARG B 355 11.79 -26.39 -15.98
C ARG B 355 13.03 -26.86 -15.22
N HIS B 356 13.02 -26.75 -13.89
CA HIS B 356 14.18 -27.12 -13.09
C HIS B 356 14.53 -28.59 -13.28
N ARG B 357 15.84 -28.89 -13.22
CA ARG B 357 16.34 -30.25 -13.27
C ARG B 357 17.25 -30.48 -12.07
N LYS B 358 16.79 -31.28 -11.11
CA LYS B 358 17.62 -31.67 -9.98
C LYS B 358 18.82 -32.46 -10.49
N ILE B 359 20.00 -32.12 -10.00
CA ILE B 359 21.21 -32.77 -10.50
C ILE B 359 21.23 -34.24 -10.12
N GLU B 360 20.55 -34.62 -9.03
CA GLU B 360 20.55 -36.01 -8.61
C GLU B 360 19.51 -36.85 -9.32
N GLY B 361 18.65 -36.24 -10.14
CA GLY B 361 17.62 -36.98 -10.84
C GLY B 361 16.29 -36.94 -10.12
N GLY B 362 15.36 -37.75 -10.62
CA GLY B 362 14.02 -37.79 -10.07
C GLY B 362 13.25 -36.51 -10.33
N ARG B 363 11.93 -36.55 -10.18
CA ARG B 363 11.12 -35.37 -10.42
C ARG B 363 11.15 -34.44 -9.21
N SER C 19 -31.36 42.77 5.19
CA SER C 19 -30.37 42.40 6.21
C SER C 19 -31.07 41.95 7.50
N HIS C 20 -31.54 40.71 7.50
CA HIS C 20 -32.19 40.13 8.67
C HIS C 20 -31.12 39.42 9.49
N MET C 21 -30.81 39.97 10.66
CA MET C 21 -29.63 39.56 11.42
C MET C 21 -29.70 38.10 11.80
N ASP C 22 -28.54 37.44 11.78
CA ASP C 22 -28.39 36.05 12.21
C ASP C 22 -27.89 36.07 13.66
N TYR C 23 -28.83 36.10 14.59
CA TYR C 23 -28.53 36.17 16.01
C TYR C 23 -28.54 34.77 16.61
N ARG C 24 -27.54 34.47 17.44
CA ARG C 24 -27.42 33.19 18.11
C ARG C 24 -27.07 33.41 19.58
N LYS C 25 -27.33 32.39 20.38
CA LYS C 25 -27.03 32.46 21.81
C LYS C 25 -25.55 32.19 22.06
N LEU C 26 -24.98 32.91 23.02
CA LEU C 26 -23.62 32.64 23.44
C LEU C 26 -23.57 31.32 24.19
N GLY C 27 -23.69 30.22 23.46
CA GLY C 27 -23.73 28.90 24.06
C GLY C 27 -25.01 28.68 24.85
N PRO C 28 -24.85 28.27 26.11
CA PRO C 28 -26.03 28.03 26.95
C PRO C 28 -26.54 29.28 27.66
N SER C 29 -25.79 30.38 27.61
CA SER C 29 -26.12 31.57 28.37
C SER C 29 -27.30 32.32 27.75
N GLY C 30 -27.72 33.38 28.44
CA GLY C 30 -28.77 34.26 27.99
C GLY C 30 -28.30 35.42 27.14
N THR C 31 -27.00 35.49 26.85
CA THR C 31 -26.45 36.54 26.01
C THR C 31 -26.53 36.12 24.53
N VAL C 32 -26.80 37.10 23.68
CA VAL C 32 -26.97 36.87 22.24
C VAL C 32 -25.84 37.58 21.50
N VAL C 33 -25.35 36.93 20.43
CA VAL C 33 -24.31 37.50 19.59
C VAL C 33 -24.68 37.29 18.14
N THR C 34 -24.13 38.14 17.28
CA THR C 34 -24.32 37.98 15.85
C THR C 34 -23.51 36.79 15.34
N ALA C 35 -24.04 36.13 14.30
CA ALA C 35 -23.41 34.91 13.80
C ALA C 35 -21.97 35.13 13.37
N TYR C 36 -21.55 36.39 13.18
CA TYR C 36 -20.18 36.70 12.80
C TYR C 36 -19.55 37.60 13.85
N CYS C 37 -18.29 37.29 14.17
CA CYS C 37 -17.55 37.99 15.21
C CYS C 37 -16.28 38.58 14.62
N LEU C 38 -15.92 39.78 15.07
CA LEU C 38 -14.76 40.49 14.55
C LEU C 38 -13.51 40.08 15.33
N GLY C 39 -12.54 39.52 14.62
CA GLY C 39 -11.26 39.19 15.22
C GLY C 39 -10.30 40.36 15.10
N THR C 40 -9.60 40.66 16.19
CA THR C 40 -8.69 41.79 16.27
C THR C 40 -7.22 41.36 16.28
N MET C 41 -6.93 40.17 15.74
CA MET C 41 -5.56 39.68 15.71
C MET C 41 -4.64 40.63 14.95
N THR C 42 -5.16 41.31 13.94
CA THR C 42 -4.36 42.22 13.14
C THR C 42 -4.29 43.64 13.72
N PHE C 43 -5.12 43.96 14.70
CA PHE C 43 -5.09 45.28 15.30
C PHE C 43 -3.72 45.53 15.93
N GLY C 44 -3.02 46.55 15.45
CA GLY C 44 -1.69 46.86 15.93
C GLY C 44 -0.57 46.09 15.25
N ALA C 45 -0.89 45.18 14.34
CA ALA C 45 0.12 44.43 13.60
C ALA C 45 0.05 44.86 12.16
N GLU C 46 -0.69 44.16 11.30
CA GLU C 46 -0.83 44.59 9.90
C GLU C 46 -1.75 45.79 9.75
N ALA C 47 -2.57 46.08 10.75
CA ALA C 47 -3.47 47.22 10.72
C ALA C 47 -3.20 48.08 11.96
N ASP C 48 -2.77 49.32 11.74
CA ASP C 48 -2.47 50.22 12.84
C ASP C 48 -3.76 50.68 13.51
N GLU C 49 -3.61 51.58 14.49
CA GLU C 49 -4.77 52.05 15.24
C GLU C 49 -5.80 52.70 14.32
N ALA C 50 -5.36 53.42 13.30
CA ALA C 50 -6.29 54.05 12.38
C ALA C 50 -7.07 52.99 11.60
N ALA C 51 -6.36 52.09 10.92
CA ALA C 51 -7.02 51.03 10.16
C ALA C 51 -7.94 50.21 11.06
N SER C 52 -7.46 49.84 12.24
CA SER C 52 -8.28 49.05 13.15
C SER C 52 -9.54 49.80 13.56
N HIS C 53 -9.43 51.11 13.82
CA HIS C 53 -10.60 51.90 14.12
C HIS C 53 -11.62 51.84 12.99
N LYS C 54 -11.15 51.92 11.74
CA LYS C 54 -12.04 51.82 10.60
C LYS C 54 -12.81 50.50 10.61
N LEU C 55 -12.09 49.39 10.83
CA LEU C 55 -12.73 48.08 10.78
C LEU C 55 -13.80 47.94 11.85
N LEU C 56 -13.54 48.42 13.05
CA LEU C 56 -14.55 48.37 14.11
C LEU C 56 -15.78 49.17 13.72
N ASP C 57 -15.58 50.36 13.12
CA ASP C 57 -16.71 51.19 12.72
C ASP C 57 -17.57 50.46 11.69
N ASP C 58 -16.94 49.83 10.70
CA ASP C 58 -17.70 49.13 9.67
C ASP C 58 -18.45 47.93 10.25
N TYR C 59 -17.75 47.13 11.07
CA TYR C 59 -18.38 45.94 11.65
C TYR C 59 -19.65 46.31 12.40
N PHE C 60 -19.58 47.31 13.28
CA PHE C 60 -20.76 47.70 14.05
C PHE C 60 -21.79 48.40 13.16
N ALA C 61 -21.34 49.12 12.14
CA ALA C 61 -22.29 49.70 11.19
C ALA C 61 -23.11 48.62 10.50
N TRP C 62 -22.51 47.46 10.24
CA TRP C 62 -23.24 46.35 9.67
C TRP C 62 -24.24 45.75 10.64
N GLY C 63 -23.94 45.81 11.93
CA GLY C 63 -24.83 45.27 12.96
C GLY C 63 -24.18 44.27 13.90
N GLY C 64 -22.92 43.90 13.69
CA GLY C 64 -22.28 42.95 14.59
C GLY C 64 -22.03 43.54 15.95
N ASN C 65 -22.06 42.67 16.97
CA ASN C 65 -21.90 43.08 18.36
C ASN C 65 -20.83 42.28 19.09
N PHE C 66 -20.00 41.52 18.38
CA PHE C 66 -19.09 40.56 18.98
C PHE C 66 -17.66 40.90 18.61
N ILE C 67 -16.83 41.17 19.61
CA ILE C 67 -15.42 41.49 19.42
C ILE C 67 -14.58 40.48 20.21
N ASP C 68 -13.59 39.90 19.54
CA ASP C 68 -12.68 38.94 20.17
C ASP C 68 -11.25 39.45 20.03
N THR C 69 -10.56 39.57 21.17
CA THR C 69 -9.16 39.96 21.20
C THR C 69 -8.43 39.05 22.17
N ALA C 70 -7.18 39.40 22.47
CA ALA C 70 -6.37 38.63 23.40
C ALA C 70 -5.25 39.52 23.91
N ASP C 71 -4.84 39.29 25.16
CA ASP C 71 -3.80 40.12 25.76
C ASP C 71 -2.49 40.02 24.99
N VAL C 72 -2.21 38.86 24.37
CA VAL C 72 -0.95 38.69 23.65
C VAL C 72 -1.00 39.16 22.21
N TYR C 73 -2.17 39.55 21.71
CA TYR C 73 -2.26 40.10 20.36
C TYR C 73 -1.43 41.38 20.28
N SER C 74 -0.17 41.27 19.86
CA SER C 74 0.73 42.41 19.77
C SER C 74 1.08 42.98 21.15
N ALA C 75 1.10 42.13 22.16
CA ALA C 75 1.53 42.52 23.51
C ALA C 75 0.62 43.59 24.09
N GLY C 76 -0.69 43.44 23.87
CA GLY C 76 -1.67 44.36 24.41
C GLY C 76 -2.07 45.51 23.50
N LYS C 77 -1.34 45.73 22.40
CA LYS C 77 -1.70 46.81 21.49
C LYS C 77 -3.11 46.60 20.93
N SER C 78 -3.48 45.35 20.67
CA SER C 78 -4.84 45.08 20.20
C SER C 78 -5.87 45.51 21.24
N GLU C 79 -5.72 45.02 22.48
CA GLU C 79 -6.63 45.43 23.54
C GLU C 79 -6.65 46.95 23.70
N GLU C 80 -5.48 47.58 23.68
CA GLU C 80 -5.42 49.02 23.87
C GLU C 80 -6.16 49.77 22.76
N ILE C 81 -6.04 49.27 21.52
CA ILE C 81 -6.77 49.89 20.41
C ILE C 81 -8.27 49.76 20.63
N ILE C 82 -8.75 48.54 20.80
CA ILE C 82 -10.16 48.32 21.13
C ILE C 82 -10.55 49.17 22.33
N GLY C 83 -9.67 49.24 23.34
CA GLY C 83 -10.02 49.90 24.59
C GLY C 83 -10.42 51.36 24.41
N ARG C 84 -9.75 52.07 23.50
CA ARG C 84 -10.08 53.48 23.30
C ARG C 84 -11.08 53.72 22.18
N TRP C 85 -11.22 52.78 21.24
CA TRP C 85 -12.36 52.86 20.32
C TRP C 85 -13.67 52.74 21.10
N LEU C 86 -13.69 51.88 22.12
CA LEU C 86 -14.87 51.76 22.96
C LEU C 86 -15.18 53.07 23.68
N LYS C 87 -14.14 53.74 24.19
CA LYS C 87 -14.36 54.99 24.92
C LYS C 87 -14.73 56.13 23.96
N ALA C 88 -14.27 56.08 22.72
CA ALA C 88 -14.51 57.18 21.78
C ALA C 88 -15.91 57.11 21.17
N ARG C 89 -16.47 55.90 20.99
CA ARG C 89 -17.82 55.71 20.48
C ARG C 89 -18.64 55.02 21.57
N PRO C 90 -19.20 55.79 22.51
CA PRO C 90 -19.87 55.18 23.66
C PRO C 90 -21.13 54.40 23.31
N THR C 91 -21.83 54.78 22.23
CA THR C 91 -23.09 54.11 21.92
C THR C 91 -22.85 52.67 21.47
N GLU C 92 -21.89 52.46 20.58
CA GLU C 92 -21.53 51.09 20.21
C GLU C 92 -20.86 50.35 21.37
N ALA C 93 -20.13 51.07 22.21
CA ALA C 93 -19.51 50.45 23.37
C ALA C 93 -20.54 49.78 24.26
N ARG C 94 -21.75 50.33 24.34
CA ARG C 94 -22.80 49.77 25.18
C ARG C 94 -23.54 48.61 24.52
N GLN C 95 -23.22 48.30 23.26
CA GLN C 95 -23.77 47.13 22.59
C GLN C 95 -22.78 45.98 22.46
N ALA C 96 -21.49 46.26 22.60
CA ALA C 96 -20.46 45.30 22.24
C ALA C 96 -20.28 44.24 23.31
N ILE C 97 -20.18 42.98 22.87
CA ILE C 97 -19.74 41.88 23.71
C ILE C 97 -18.24 41.72 23.52
N VAL C 98 -17.47 41.92 24.58
CA VAL C 98 -16.02 41.92 24.51
C VAL C 98 -15.50 40.58 25.02
N ALA C 99 -14.65 39.94 24.22
CA ALA C 99 -14.01 38.68 24.59
C ALA C 99 -12.51 38.82 24.38
N THR C 100 -11.74 38.56 25.43
CA THR C 100 -10.28 38.52 25.34
C THR C 100 -9.79 37.24 25.99
N LYS C 101 -8.47 37.05 25.99
CA LYS C 101 -7.88 35.80 26.44
C LYS C 101 -6.67 36.08 27.31
N GLY C 102 -6.23 35.03 28.01
CA GLY C 102 -5.01 35.06 28.80
C GLY C 102 -4.48 33.66 29.00
N ARG C 103 -3.16 33.49 28.97
CA ARG C 103 -2.54 32.18 29.08
C ARG C 103 -1.10 32.21 28.59
N PHE C 104 -0.87 32.88 27.47
CA PHE C 104 0.43 32.87 26.80
C PHE C 104 1.31 33.98 27.34
N PRO C 105 2.60 33.95 27.02
CA PRO C 105 3.58 34.79 27.72
C PRO C 105 3.35 36.28 27.46
N MET C 106 3.05 37.02 28.52
CA MET C 106 3.10 38.48 28.51
C MET C 106 4.44 38.97 29.06
N GLY C 107 5.50 38.45 28.47
CA GLY C 107 6.84 38.57 29.03
C GLY C 107 7.50 37.21 29.18
N ASN C 108 8.76 37.25 29.58
CA ASN C 108 9.59 36.04 29.66
C ASN C 108 9.79 35.53 31.08
N GLY C 109 9.09 36.09 32.05
CA GLY C 109 9.16 35.60 33.41
C GLY C 109 8.51 34.23 33.53
N PRO C 110 9.00 33.41 34.45
CA PRO C 110 8.41 32.06 34.61
C PRO C 110 6.93 32.10 34.94
N ASN C 111 6.47 33.16 35.61
CA ASN C 111 5.06 33.29 35.98
C ASN C 111 4.34 34.34 35.14
N ASP C 112 4.96 34.83 34.08
CA ASP C 112 4.28 35.67 33.10
C ASP C 112 3.52 34.85 32.06
N ILE C 113 2.90 33.76 32.49
CA ILE C 113 2.42 32.73 31.57
C ILE C 113 1.63 31.69 32.35
N GLY C 114 0.66 31.07 31.69
CA GLY C 114 -0.10 29.98 32.29
C GLY C 114 -1.44 30.42 32.82
N LEU C 115 -2.19 29.42 33.30
CA LEU C 115 -3.51 29.63 33.89
C LEU C 115 -3.48 29.64 35.41
N SER C 116 -2.30 29.82 36.00
CA SER C 116 -2.18 29.85 37.44
C SER C 116 -2.95 31.03 38.03
N ARG C 117 -3.38 30.87 39.28
CA ARG C 117 -4.00 31.99 40.00
C ARG C 117 -3.07 33.19 40.04
N ARG C 118 -1.76 32.95 40.13
CA ARG C 118 -0.81 34.06 40.16
C ARG C 118 -0.88 34.89 38.89
N HIS C 119 -0.85 34.24 37.72
CA HIS C 119 -0.79 34.99 36.47
C HIS C 119 -2.17 35.51 36.06
N LEU C 120 -3.19 34.64 36.08
CA LEU C 120 -4.51 35.08 35.66
C LEU C 120 -4.97 36.30 36.45
N SER C 121 -4.64 36.36 37.74
CA SER C 121 -4.95 37.55 38.52
C SER C 121 -4.37 38.80 37.86
N GLN C 122 -3.09 38.75 37.51
CA GLN C 122 -2.45 39.90 36.89
C GLN C 122 -2.90 40.09 35.46
N ALA C 123 -3.12 38.99 34.73
CA ALA C 123 -3.51 39.09 33.33
C ALA C 123 -4.93 39.64 33.18
N LEU C 124 -5.84 39.25 34.07
CA LEU C 124 -7.20 39.78 34.00
C LEU C 124 -7.23 41.26 34.33
N ASP C 125 -6.47 41.68 35.34
CA ASP C 125 -6.39 43.11 35.65
C ASP C 125 -5.71 43.89 34.54
N ASP C 126 -4.73 43.27 33.86
CA ASP C 126 -4.06 43.96 32.75
C ASP C 126 -5.01 44.13 31.57
N SER C 127 -5.75 43.08 31.21
CA SER C 127 -6.70 43.20 30.10
C SER C 127 -7.78 44.23 30.42
N LEU C 128 -8.35 44.15 31.62
CA LEU C 128 -9.34 45.15 32.04
C LEU C 128 -8.78 46.56 31.89
N ARG C 129 -7.54 46.76 32.33
CA ARG C 129 -6.90 48.07 32.24
C ARG C 129 -6.77 48.50 30.78
N ARG C 130 -6.12 47.68 29.96
CA ARG C 130 -5.87 48.06 28.57
C ARG C 130 -7.16 48.14 27.76
N LEU C 131 -8.16 47.33 28.10
CA LEU C 131 -9.44 47.41 27.41
C LEU C 131 -10.32 48.53 27.95
N GLY C 132 -10.03 49.03 29.15
CA GLY C 132 -10.81 50.12 29.72
C GLY C 132 -12.21 49.74 30.13
N LEU C 133 -12.37 48.55 30.71
CA LEU C 133 -13.68 48.04 31.07
C LEU C 133 -13.72 47.67 32.54
N GLU C 134 -14.90 47.82 33.15
CA GLU C 134 -15.11 47.34 34.51
C GLU C 134 -15.31 45.84 34.54
N GLN C 135 -15.80 45.26 33.44
CA GLN C 135 -16.09 43.84 33.36
C GLN C 135 -15.86 43.38 31.93
N ILE C 136 -15.31 42.18 31.78
CA ILE C 136 -15.11 41.56 30.48
C ILE C 136 -16.20 40.53 30.26
N ASP C 137 -16.83 40.55 29.09
CA ASP C 137 -17.98 39.69 28.84
C ASP C 137 -17.58 38.23 28.76
N LEU C 138 -16.58 37.91 27.94
CA LEU C 138 -16.12 36.54 27.75
C LEU C 138 -14.61 36.51 27.94
N TYR C 139 -14.17 35.86 29.02
CA TYR C 139 -12.75 35.68 29.30
C TYR C 139 -12.39 34.24 28.99
N GLN C 140 -11.52 34.03 28.01
CA GLN C 140 -11.24 32.71 27.46
C GLN C 140 -9.82 32.29 27.81
N MET C 141 -9.67 31.05 28.28
CA MET C 141 -8.35 30.47 28.46
C MET C 141 -7.74 30.18 27.09
N HIS C 142 -6.60 30.82 26.80
CA HIS C 142 -6.07 30.75 25.44
C HIS C 142 -5.57 29.34 25.10
N ALA C 143 -5.17 28.58 26.11
CA ALA C 143 -4.73 27.21 25.87
C ALA C 143 -4.70 26.46 27.20
N TRP C 144 -4.84 25.14 27.10
CA TRP C 144 -4.69 24.28 28.27
C TRP C 144 -3.33 24.53 28.92
N ASP C 145 -3.29 24.42 30.25
CA ASP C 145 -2.05 24.58 31.02
C ASP C 145 -1.91 23.38 31.94
N ALA C 146 -1.12 22.40 31.51
CA ALA C 146 -0.95 21.18 32.30
C ALA C 146 -0.23 21.45 33.62
N LEU C 147 0.49 22.56 33.73
CA LEU C 147 1.19 22.89 34.98
C LEU C 147 0.24 23.42 36.05
N THR C 148 -0.98 23.80 35.70
CA THR C 148 -1.93 24.35 36.65
C THR C 148 -3.13 23.43 36.75
N PRO C 149 -3.45 22.91 37.94
CA PRO C 149 -4.66 22.09 38.08
C PRO C 149 -5.87 22.88 37.61
N ILE C 150 -6.73 22.20 36.83
CA ILE C 150 -7.94 22.86 36.34
C ILE C 150 -8.77 23.38 37.49
N GLU C 151 -8.72 22.72 38.65
CA GLU C 151 -9.44 23.22 39.81
C GLU C 151 -8.99 24.62 40.19
N GLU C 152 -7.67 24.87 40.16
CA GLU C 152 -7.18 26.21 40.47
C GLU C 152 -7.70 27.25 39.48
N THR C 153 -7.60 26.95 38.18
CA THR C 153 -8.09 27.88 37.17
C THR C 153 -9.57 28.16 37.37
N LEU C 154 -10.37 27.13 37.61
CA LEU C 154 -11.81 27.31 37.72
C LEU C 154 -12.18 28.12 38.95
N ARG C 155 -11.50 27.90 40.08
CA ARG C 155 -11.80 28.67 41.28
C ARG C 155 -11.51 30.15 41.07
N PHE C 156 -10.40 30.48 40.42
CA PHE C 156 -10.11 31.88 40.11
C PHE C 156 -11.22 32.48 39.27
N LEU C 157 -11.59 31.80 38.19
CA LEU C 157 -12.68 32.28 37.33
C LEU C 157 -13.95 32.50 38.13
N ASP C 158 -14.26 31.57 39.04
CA ASP C 158 -15.48 31.72 39.84
C ASP C 158 -15.39 32.93 40.75
N ASP C 159 -14.21 33.19 41.32
CA ASP C 159 -14.04 34.41 42.10
C ASP C 159 -14.21 35.65 41.24
N ALA C 160 -13.78 35.60 39.98
CA ALA C 160 -13.94 36.74 39.09
C ALA C 160 -15.40 36.97 38.73
N VAL C 161 -16.15 35.88 38.52
CA VAL C 161 -17.58 36.01 38.25
C VAL C 161 -18.27 36.70 39.41
N SER C 162 -18.00 36.25 40.64
CA SER C 162 -18.69 36.81 41.79
C SER C 162 -18.32 38.27 42.02
N SER C 163 -17.05 38.63 41.83
CA SER C 163 -16.66 40.02 41.99
C SER C 163 -17.14 40.89 40.84
N GLY C 164 -17.54 40.28 39.72
CA GLY C 164 -18.04 41.01 38.59
C GLY C 164 -17.01 41.36 37.54
N LYS C 165 -15.76 40.96 37.72
CA LYS C 165 -14.72 41.29 36.73
C LYS C 165 -15.03 40.66 35.37
N ILE C 166 -15.78 39.55 35.36
CA ILE C 166 -16.10 38.86 34.12
C ILE C 166 -17.57 38.43 34.16
N GLY C 167 -18.15 38.29 32.97
CA GLY C 167 -19.50 37.79 32.85
C GLY C 167 -19.54 36.29 32.63
N TYR C 168 -18.80 35.81 31.63
CA TYR C 168 -18.72 34.39 31.32
C TYR C 168 -17.27 34.03 31.04
N TYR C 169 -17.02 32.73 30.87
CA TYR C 169 -15.70 32.24 30.50
C TYR C 169 -15.83 31.08 29.52
N GLY C 170 -14.79 30.89 28.73
CA GLY C 170 -14.75 29.85 27.73
C GLY C 170 -13.33 29.36 27.55
N PHE C 171 -13.14 28.47 26.59
CA PHE C 171 -11.88 27.77 26.41
C PHE C 171 -11.36 27.94 24.99
N SER C 172 -10.08 27.61 24.83
CA SER C 172 -9.40 27.60 23.55
C SER C 172 -8.23 26.62 23.66
N ASN C 173 -7.95 25.89 22.59
CA ASN C 173 -6.96 24.82 22.61
C ASN C 173 -7.20 23.88 23.79
N TYR C 174 -8.43 23.41 23.90
CA TYR C 174 -8.82 22.35 24.81
C TYR C 174 -9.24 21.13 24.00
N VAL C 175 -8.93 19.94 24.49
CA VAL C 175 -9.34 18.72 23.79
C VAL C 175 -10.54 18.12 24.49
N GLY C 176 -11.00 16.97 23.98
CA GLY C 176 -12.26 16.41 24.44
C GLY C 176 -12.34 16.23 25.94
N TRP C 177 -11.38 15.52 26.53
CA TRP C 177 -11.43 15.30 27.97
C TRP C 177 -11.09 16.56 28.75
N HIS C 178 -10.39 17.52 28.13
CA HIS C 178 -10.28 18.85 28.72
C HIS C 178 -11.66 19.47 28.92
N ILE C 179 -12.46 19.49 27.86
CA ILE C 179 -13.81 20.08 27.92
C ILE C 179 -14.62 19.42 29.04
N ALA C 180 -14.74 18.09 28.97
CA ALA C 180 -15.62 17.38 29.90
C ALA C 180 -15.14 17.52 31.34
N LYS C 181 -13.83 17.42 31.57
CA LYS C 181 -13.32 17.51 32.94
C LYS C 181 -13.65 18.86 33.55
N ALA C 182 -13.33 19.95 32.84
CA ALA C 182 -13.61 21.28 33.36
C ALA C 182 -15.11 21.50 33.53
N SER C 183 -15.89 21.13 32.51
CA SER C 183 -17.34 21.31 32.57
C SER C 183 -17.93 20.61 33.78
N GLU C 184 -17.54 19.35 34.02
CA GLU C 184 -18.13 18.58 35.10
C GLU C 184 -17.63 19.02 36.47
N ILE C 185 -16.39 19.49 36.58
CA ILE C 185 -15.88 19.97 37.86
C ILE C 185 -16.61 21.24 38.27
N ALA C 186 -16.76 22.19 37.34
CA ALA C 186 -17.52 23.39 37.63
C ALA C 186 -18.93 23.06 38.08
N LYS C 187 -19.56 22.08 37.41
CA LYS C 187 -20.90 21.66 37.80
C LYS C 187 -20.92 21.12 39.23
N ALA C 188 -19.98 20.24 39.55
CA ALA C 188 -19.95 19.64 40.87
C ALA C 188 -19.66 20.66 41.97
N ARG C 189 -18.82 21.65 41.67
CA ARG C 189 -18.43 22.63 42.68
C ARG C 189 -19.35 23.85 42.74
N GLY C 190 -20.43 23.85 41.97
CA GLY C 190 -21.36 24.96 42.00
C GLY C 190 -20.91 26.21 41.25
N TYR C 191 -19.84 26.11 40.46
CA TYR C 191 -19.41 27.25 39.66
C TYR C 191 -20.35 27.45 38.48
N THR C 192 -20.15 28.54 37.76
CA THR C 192 -20.91 28.77 36.54
C THR C 192 -20.40 27.87 35.42
N ARG C 193 -21.30 27.54 34.50
CA ARG C 193 -20.92 26.64 33.42
C ARG C 193 -20.13 27.39 32.35
N PRO C 194 -19.15 26.76 31.73
CA PRO C 194 -18.46 27.38 30.60
C PRO C 194 -19.38 27.48 29.40
N VAL C 195 -19.13 28.48 28.56
CA VAL C 195 -20.05 28.82 27.49
C VAL C 195 -19.52 28.47 26.10
N THR C 196 -18.21 28.54 25.86
CA THR C 196 -17.73 28.44 24.49
C THR C 196 -16.36 27.79 24.43
N LEU C 197 -15.98 27.43 23.20
CA LEU C 197 -14.64 26.98 22.84
C LEU C 197 -14.24 27.69 21.55
N GLN C 198 -12.98 28.15 21.49
CA GLN C 198 -12.50 28.86 20.30
C GLN C 198 -11.52 27.96 19.55
N PRO C 199 -12.00 27.14 18.62
CA PRO C 199 -11.09 26.22 17.91
C PRO C 199 -10.70 26.74 16.54
N GLN C 200 -9.49 26.43 16.10
CA GLN C 200 -9.11 26.64 14.72
C GLN C 200 -9.89 25.65 13.85
N TYR C 201 -10.76 26.17 12.99
CA TYR C 201 -11.72 25.32 12.31
C TYR C 201 -11.98 25.86 10.90
N ASN C 202 -12.02 24.94 9.93
CA ASN C 202 -12.39 25.28 8.55
C ASN C 202 -12.37 24.04 7.67
N LEU C 203 -12.57 24.24 6.36
CA LEU C 203 -12.70 23.11 5.44
C LEU C 203 -11.43 22.29 5.33
N LEU C 204 -10.29 22.86 5.71
CA LEU C 204 -9.01 22.16 5.66
C LEU C 204 -8.58 21.61 7.01
N MET C 205 -9.32 21.92 8.08
CA MET C 205 -8.99 21.47 9.44
C MET C 205 -10.30 21.15 10.17
N ARG C 206 -10.75 19.90 10.05
CA ARG C 206 -11.97 19.45 10.68
C ARG C 206 -11.73 18.36 11.72
N ASP C 207 -10.50 18.24 12.23
CA ASP C 207 -10.19 17.17 13.16
C ASP C 207 -10.85 17.35 14.52
N ILE C 208 -11.34 18.55 14.83
CA ILE C 208 -12.06 18.70 16.08
C ILE C 208 -13.35 17.90 16.08
N GLU C 209 -13.85 17.53 14.89
CA GLU C 209 -15.06 16.72 14.78
C GLU C 209 -14.88 15.29 15.28
N LEU C 210 -13.63 14.84 15.46
CA LEU C 210 -13.41 13.47 15.90
C LEU C 210 -14.08 13.20 17.25
N GLU C 211 -14.06 14.19 18.15
CA GLU C 211 -14.79 14.06 19.41
C GLU C 211 -14.89 15.39 20.14
N ILE C 212 -14.07 16.36 19.75
CA ILE C 212 -14.05 17.65 20.44
C ILE C 212 -15.39 18.36 20.30
N VAL C 213 -15.96 18.35 19.09
CA VAL C 213 -17.27 18.96 18.89
C VAL C 213 -18.31 18.27 19.77
N ALA C 214 -18.37 16.94 19.71
CA ALA C 214 -19.32 16.20 20.52
C ALA C 214 -19.17 16.54 22.00
N ALA C 215 -17.92 16.74 22.46
CA ALA C 215 -17.70 17.10 23.85
C ALA C 215 -18.33 18.45 24.19
N CYS C 216 -18.24 19.41 23.26
CA CYS C 216 -18.89 20.70 23.47
C CYS C 216 -20.41 20.57 23.47
N GLN C 217 -20.94 19.79 22.52
CA GLN C 217 -22.39 19.62 22.45
C GLN C 217 -22.93 18.98 23.72
N ASP C 218 -22.21 17.99 24.26
CA ASP C 218 -22.64 17.38 25.51
C ASP C 218 -22.73 18.43 26.63
N ALA C 219 -21.82 19.40 26.63
CA ALA C 219 -21.79 20.44 27.65
C ALA C 219 -22.67 21.63 27.30
N GLY C 220 -23.39 21.58 26.19
CA GLY C 220 -24.18 22.72 25.77
C GLY C 220 -23.34 23.94 25.44
N MET C 221 -22.08 23.75 25.07
CA MET C 221 -21.20 24.85 24.73
C MET C 221 -21.24 25.13 23.24
N GLY C 222 -21.05 26.41 22.89
CA GLY C 222 -20.98 26.82 21.50
C GLY C 222 -19.55 26.97 21.02
N LEU C 223 -19.42 27.07 19.69
CA LEU C 223 -18.11 27.12 19.04
C LEU C 223 -17.88 28.50 18.44
N LEU C 224 -16.67 29.03 18.66
CA LEU C 224 -16.24 30.28 18.06
C LEU C 224 -15.10 29.99 17.10
N PRO C 225 -15.37 29.39 15.95
CA PRO C 225 -14.29 28.99 15.05
C PRO C 225 -13.55 30.21 14.52
N TRP C 226 -12.22 30.13 14.58
CA TRP C 226 -11.36 31.18 14.03
C TRP C 226 -10.54 30.62 12.89
N SER C 227 -10.17 31.50 11.97
CA SER C 227 -9.47 31.12 10.74
C SER C 227 -10.40 30.32 9.83
N PRO C 228 -11.63 30.77 9.59
CA PRO C 228 -12.52 30.02 8.69
C PRO C 228 -12.06 30.02 7.25
N LEU C 229 -11.09 30.86 6.89
CA LEU C 229 -10.54 30.91 5.55
C LEU C 229 -9.21 30.19 5.45
N GLY C 230 -8.78 29.51 6.51
CA GLY C 230 -7.47 28.87 6.50
C GLY C 230 -6.33 29.83 6.31
N GLY C 231 -6.45 31.05 6.84
CA GLY C 231 -5.44 32.07 6.62
C GLY C 231 -5.40 32.62 5.22
N GLY C 232 -6.38 32.29 4.38
CA GLY C 232 -6.42 32.73 3.00
C GLY C 232 -6.36 31.62 1.97
N TRP C 233 -6.16 30.37 2.40
CA TRP C 233 -6.08 29.26 1.45
C TRP C 233 -7.42 28.96 0.79
N LEU C 234 -8.54 29.30 1.44
CA LEU C 234 -9.86 29.07 0.88
C LEU C 234 -10.40 30.28 0.13
N THR C 235 -9.67 31.39 0.12
CA THR C 235 -10.05 32.54 -0.68
C THR C 235 -9.69 32.38 -2.15
N GLY C 236 -8.80 31.44 -2.48
CA GLY C 236 -8.37 31.19 -3.83
C GLY C 236 -7.08 31.87 -4.22
N LYS C 237 -6.67 32.89 -3.48
CA LYS C 237 -5.49 33.66 -3.85
C LYS C 237 -4.22 32.82 -3.81
N TYR C 238 -4.13 31.88 -2.87
CA TYR C 238 -2.85 31.29 -2.52
C TYR C 238 -2.31 30.37 -3.61
N LYS C 239 -1.04 30.02 -3.47
CA LYS C 239 -0.28 29.23 -4.45
C LYS C 239 0.23 30.10 -5.59
N GLN C 267 -0.13 17.23 -0.89
CA GLN C 267 -0.87 18.41 -1.33
C GLN C 267 -2.01 18.02 -2.26
N GLU C 268 -2.63 16.88 -1.98
CA GLU C 268 -3.71 16.33 -2.80
C GLU C 268 -5.09 16.74 -2.30
N ARG C 269 -5.42 16.39 -1.05
CA ARG C 269 -6.72 16.73 -0.50
C ARG C 269 -7.01 18.22 -0.62
N THR C 270 -6.01 19.05 -0.31
CA THR C 270 -6.18 20.50 -0.29
C THR C 270 -6.84 20.99 -1.57
N TRP C 271 -6.20 20.76 -2.72
CA TRP C 271 -6.67 21.34 -3.97
C TRP C 271 -8.01 20.76 -4.41
N ALA C 272 -8.28 19.49 -4.07
CA ALA C 272 -9.63 18.97 -4.27
C ALA C 272 -10.64 19.78 -3.48
N ILE C 273 -10.31 20.12 -2.23
CA ILE C 273 -11.21 20.94 -1.41
C ILE C 273 -11.28 22.36 -1.97
N ILE C 274 -10.12 22.96 -2.26
CA ILE C 274 -10.10 24.32 -2.79
C ILE C 274 -10.86 24.39 -4.11
N GLY C 275 -10.67 23.39 -4.97
CA GLY C 275 -11.37 23.37 -6.24
C GLY C 275 -12.88 23.29 -6.07
N THR C 276 -13.35 22.57 -5.06
CA THR C 276 -14.79 22.47 -4.81
C THR C 276 -15.35 23.84 -4.43
N VAL C 277 -14.69 24.54 -3.52
CA VAL C 277 -15.14 25.88 -3.14
C VAL C 277 -15.17 26.79 -4.35
N GLU C 278 -14.20 26.63 -5.26
CA GLU C 278 -14.16 27.48 -6.44
C GLU C 278 -15.26 27.14 -7.43
N GLU C 279 -15.57 25.84 -7.58
CA GLU C 279 -16.63 25.44 -8.49
C GLU C 279 -17.99 25.95 -8.03
N ILE C 280 -18.20 26.05 -6.72
CA ILE C 280 -19.49 26.48 -6.19
C ILE C 280 -19.60 28.00 -6.21
N ALA C 281 -18.53 28.70 -5.80
CA ALA C 281 -18.56 30.16 -5.79
C ALA C 281 -18.85 30.71 -7.18
N LYS C 282 -18.14 30.21 -8.19
CA LYS C 282 -18.39 30.67 -9.55
C LYS C 282 -19.74 30.16 -10.07
N ALA C 283 -20.23 29.04 -9.55
CA ALA C 283 -21.56 28.59 -9.90
C ALA C 283 -22.63 29.50 -9.30
N ARG C 284 -22.41 29.97 -8.06
CA ARG C 284 -23.36 30.85 -7.41
C ARG C 284 -23.09 32.32 -7.66
N GLY C 285 -21.92 32.67 -8.16
CA GLY C 285 -21.60 34.07 -8.43
C GLY C 285 -21.19 34.86 -7.22
N VAL C 286 -20.45 34.24 -6.29
CA VAL C 286 -19.95 34.91 -5.10
C VAL C 286 -18.49 34.50 -4.90
N SER C 287 -17.83 35.16 -3.95
CA SER C 287 -16.42 34.93 -3.72
C SER C 287 -16.19 33.56 -3.08
N MET C 288 -14.95 33.09 -3.19
CA MET C 288 -14.55 31.86 -2.49
C MET C 288 -14.71 32.04 -0.99
N ALA C 289 -14.33 33.21 -0.47
CA ALA C 289 -14.43 33.46 0.97
C ALA C 289 -15.87 33.30 1.45
N GLN C 290 -16.83 33.87 0.72
CA GLN C 290 -18.22 33.78 1.14
C GLN C 290 -18.72 32.34 1.11
N VAL C 291 -18.18 31.51 0.23
CA VAL C 291 -18.54 30.09 0.24
C VAL C 291 -18.04 29.42 1.52
N ALA C 292 -16.72 29.40 1.71
CA ALA C 292 -16.15 28.77 2.89
C ALA C 292 -16.75 29.33 4.18
N LEU C 293 -17.04 30.63 4.20
CA LEU C 293 -17.63 31.24 5.39
C LEU C 293 -19.06 30.75 5.59
N ALA C 294 -19.86 30.75 4.53
CA ALA C 294 -21.22 30.21 4.63
C ALA C 294 -21.21 28.76 5.08
N TRP C 295 -20.21 28.00 4.66
CA TRP C 295 -20.09 26.61 5.09
C TRP C 295 -19.80 26.52 6.59
N THR C 296 -18.82 27.30 7.06
CA THR C 296 -18.48 27.29 8.48
C THR C 296 -19.67 27.70 9.33
N ALA C 297 -20.45 28.67 8.86
CA ALA C 297 -21.56 29.19 9.67
C ALA C 297 -22.65 28.14 9.87
N ALA C 298 -22.79 27.20 8.95
CA ALA C 298 -23.85 26.19 9.02
C ALA C 298 -23.37 24.87 9.58
N ARG C 299 -22.19 24.82 10.19
CA ARG C 299 -21.74 23.57 10.76
C ARG C 299 -22.30 23.40 12.17
N PRO C 300 -22.30 22.17 12.69
CA PRO C 300 -22.93 21.91 13.99
C PRO C 300 -22.30 22.72 15.12
N ALA C 301 -23.15 23.31 15.95
CA ALA C 301 -22.74 23.93 17.21
C ALA C 301 -21.96 25.21 17.01
N ILE C 302 -22.19 25.92 15.91
CA ILE C 302 -21.50 27.17 15.62
C ILE C 302 -22.26 28.31 16.26
N THR C 303 -21.61 29.02 17.19
CA THR C 303 -22.21 30.20 17.82
C THR C 303 -21.94 31.47 17.02
N SER C 304 -20.69 31.68 16.61
CA SER C 304 -20.33 32.84 15.82
C SER C 304 -18.98 32.60 15.17
N VAL C 305 -18.82 33.04 13.93
CA VAL C 305 -17.58 32.88 13.19
C VAL C 305 -16.71 34.12 13.39
N ILE C 306 -15.44 33.89 13.72
CA ILE C 306 -14.50 34.97 14.00
C ILE C 306 -13.79 35.33 12.70
N LEU C 307 -14.11 36.50 12.14
CA LEU C 307 -13.46 36.95 10.93
C LEU C 307 -12.14 37.63 11.24
N GLY C 308 -11.12 37.35 10.43
CA GLY C 308 -9.82 37.96 10.60
C GLY C 308 -9.46 38.89 9.46
N ALA C 309 -10.46 39.49 8.83
CA ALA C 309 -10.22 40.36 7.68
C ALA C 309 -9.38 41.56 8.10
N ARG C 310 -8.55 42.04 7.16
CA ARG C 310 -7.62 43.12 7.42
C ARG C 310 -8.02 44.44 6.77
N THR C 311 -8.80 44.42 5.70
CA THR C 311 -9.17 45.62 4.96
C THR C 311 -10.69 45.79 4.96
N PRO C 312 -11.18 47.01 4.72
CA PRO C 312 -12.63 47.21 4.64
C PRO C 312 -13.29 46.37 3.57
N GLU C 313 -12.61 46.16 2.44
CA GLU C 313 -13.20 45.37 1.36
C GLU C 313 -13.41 43.92 1.81
N GLN C 314 -12.38 43.30 2.38
CA GLN C 314 -12.50 41.92 2.81
C GLN C 314 -13.55 41.75 3.90
N LEU C 315 -13.65 42.71 4.81
CA LEU C 315 -14.68 42.65 5.85
C LEU C 315 -16.07 42.74 5.24
N ALA C 316 -16.26 43.65 4.29
CA ALA C 316 -17.56 43.76 3.62
C ALA C 316 -17.87 42.53 2.79
N ASP C 317 -16.84 41.88 2.22
CA ASP C 317 -17.06 40.66 1.46
C ASP C 317 -17.37 39.49 2.38
N ASN C 318 -16.56 39.31 3.43
CA ASN C 318 -16.80 38.23 4.38
C ASN C 318 -18.18 38.34 5.00
N LEU C 319 -18.56 39.54 5.46
CA LEU C 319 -19.86 39.70 6.10
C LEU C 319 -21.00 39.45 5.12
N GLY C 320 -20.78 39.69 3.83
CA GLY C 320 -21.80 39.41 2.83
C GLY C 320 -22.18 37.95 2.75
N ALA C 321 -21.41 37.05 3.37
CA ALA C 321 -21.72 35.63 3.34
C ALA C 321 -22.95 35.29 4.17
N MET C 322 -23.38 36.18 5.08
CA MET C 322 -24.55 35.88 5.89
C MET C 322 -25.81 35.75 5.05
N LYS C 323 -25.84 36.39 3.89
CA LYS C 323 -26.96 36.30 2.98
C LYS C 323 -26.77 35.21 1.92
N VAL C 324 -25.65 34.50 1.96
CA VAL C 324 -25.39 33.39 1.06
C VAL C 324 -25.94 32.12 1.70
N GLU C 325 -26.96 31.53 1.08
CA GLU C 325 -27.59 30.31 1.56
C GLU C 325 -27.20 29.17 0.62
N LEU C 326 -26.18 28.40 1.00
CA LEU C 326 -25.77 27.27 0.20
C LEU C 326 -26.89 26.25 0.07
N SER C 327 -26.82 25.45 -0.99
CA SER C 327 -27.79 24.39 -1.22
C SER C 327 -27.38 23.12 -0.48
N GLY C 328 -28.38 22.33 -0.08
CA GLY C 328 -28.09 21.06 0.54
C GLY C 328 -27.20 20.18 -0.32
N GLU C 329 -27.31 20.31 -1.64
CA GLU C 329 -26.46 19.53 -2.53
C GLU C 329 -25.03 20.04 -2.51
N GLU C 330 -24.85 21.37 -2.47
CA GLU C 330 -23.50 21.93 -2.36
C GLU C 330 -22.94 21.72 -0.96
N MET C 331 -23.79 21.86 0.07
CA MET C 331 -23.34 21.63 1.43
C MET C 331 -22.84 20.20 1.61
N ALA C 332 -23.56 19.24 1.04
CA ALA C 332 -23.09 17.85 1.09
C ALA C 332 -21.82 17.68 0.28
N ARG C 333 -21.70 18.40 -0.84
CA ARG C 333 -20.50 18.30 -1.67
C ARG C 333 -19.26 18.74 -0.89
N LEU C 334 -19.36 19.87 -0.17
CA LEU C 334 -18.24 20.32 0.63
C LEU C 334 -17.99 19.40 1.82
N ASN C 335 -19.06 18.89 2.43
CA ASN C 335 -18.91 17.99 3.57
C ASN C 335 -18.14 16.73 3.18
N GLU C 336 -18.37 16.22 1.97
CA GLU C 336 -17.74 14.97 1.56
C GLU C 336 -16.27 15.17 1.19
N VAL C 337 -15.99 16.11 0.28
CA VAL C 337 -14.62 16.28 -0.21
C VAL C 337 -13.68 16.74 0.89
N SER C 338 -14.22 17.22 2.02
CA SER C 338 -13.40 17.69 3.13
C SER C 338 -13.65 16.89 4.40
N ALA C 339 -14.21 15.70 4.28
CA ALA C 339 -14.52 14.90 5.46
C ALA C 339 -13.24 14.33 6.06
N PRO C 340 -13.02 14.48 7.36
CA PRO C 340 -11.80 13.92 7.97
C PRO C 340 -11.76 12.41 7.84
N GLN C 341 -10.57 11.88 7.56
CA GLN C 341 -10.35 10.46 7.32
C GLN C 341 -9.39 9.91 8.37
N PRO C 342 -9.86 9.68 9.58
CA PRO C 342 -9.01 9.08 10.61
C PRO C 342 -8.99 7.56 10.45
N LEU C 343 -8.19 6.92 11.30
CA LEU C 343 -8.22 5.46 11.36
C LEU C 343 -9.61 4.99 11.75
N ASP C 344 -9.91 3.72 11.39
CA ASP C 344 -11.19 3.16 11.75
C ASP C 344 -11.47 3.29 13.24
N TYR C 345 -10.47 2.99 14.06
CA TYR C 345 -10.61 3.02 15.50
C TYR C 345 -9.71 4.09 16.11
N PRO C 346 -10.23 4.90 17.05
CA PRO C 346 -11.62 4.82 17.50
C PRO C 346 -12.54 5.86 16.90
N TYR C 347 -11.99 6.82 16.15
CA TYR C 347 -12.78 7.94 15.63
C TYR C 347 -13.32 7.70 14.23
N GLY C 348 -12.83 6.68 13.53
CA GLY C 348 -13.25 6.42 12.16
C GLY C 348 -14.62 5.77 12.09
N LYS C 349 -14.97 5.34 10.88
CA LYS C 349 -16.26 4.69 10.65
C LYS C 349 -16.43 3.46 11.53
N GLY C 350 -15.37 2.67 11.68
CA GLY C 350 -15.47 1.47 12.49
C GLY C 350 -15.85 1.76 13.92
N GLY C 351 -15.10 2.64 14.58
CA GLY C 351 -15.38 2.96 15.96
C GLY C 351 -16.74 3.61 16.18
N ILE C 352 -17.24 4.31 15.15
CA ILE C 352 -18.54 4.96 15.28
C ILE C 352 -19.66 3.93 15.20
N ASN C 353 -19.56 2.98 14.25
CA ASN C 353 -20.56 1.94 14.16
C ASN C 353 -20.51 1.00 15.36
N GLN C 354 -19.31 0.75 15.90
CA GLN C 354 -19.22 -0.07 17.11
C GLN C 354 -19.97 0.57 18.26
N ARG C 355 -19.82 1.89 18.45
CA ARG C 355 -20.48 2.58 19.55
C ARG C 355 -21.95 2.91 19.26
N HIS C 356 -22.40 2.78 18.02
CA HIS C 356 -23.78 3.10 17.70
C HIS C 356 -24.73 2.09 18.33
N ARG C 357 -25.91 2.56 18.71
CA ARG C 357 -26.98 1.70 19.22
C ARG C 357 -28.24 1.97 18.42
N LYS C 358 -28.64 0.99 17.62
CA LYS C 358 -29.91 1.07 16.90
C LYS C 358 -31.05 1.01 17.89
N ILE C 359 -31.99 1.96 17.79
CA ILE C 359 -33.05 2.06 18.78
C ILE C 359 -33.92 0.81 18.77
N GLU C 360 -34.00 0.12 17.64
CA GLU C 360 -34.79 -1.10 17.57
C GLU C 360 -34.04 -2.32 18.07
N GLY C 361 -32.80 -2.16 18.54
CA GLY C 361 -32.01 -3.27 19.01
C GLY C 361 -31.31 -4.00 17.87
N GLY C 362 -30.67 -5.09 18.24
CA GLY C 362 -29.98 -5.93 17.28
C GLY C 362 -28.63 -5.37 16.85
N ARG C 363 -27.83 -6.24 16.26
CA ARG C 363 -26.50 -5.87 15.79
C ARG C 363 -26.58 -4.75 14.74
N GLY D 18 -15.70 -34.20 -39.76
CA GLY D 18 -15.14 -33.01 -40.38
C GLY D 18 -15.56 -32.84 -41.82
N SER D 19 -16.59 -32.02 -42.03
CA SER D 19 -17.09 -31.77 -43.39
C SER D 19 -16.08 -30.99 -44.21
N HIS D 20 -15.70 -29.80 -43.73
CA HIS D 20 -14.62 -29.00 -44.29
C HIS D 20 -13.52 -28.98 -43.23
N MET D 21 -12.62 -29.94 -43.29
CA MET D 21 -11.58 -30.05 -42.28
C MET D 21 -10.69 -28.80 -42.28
N ASP D 22 -10.37 -28.33 -41.09
CA ASP D 22 -9.49 -27.17 -40.92
C ASP D 22 -8.05 -27.69 -40.85
N TYR D 23 -7.35 -27.62 -41.97
CA TYR D 23 -5.95 -28.02 -42.05
C TYR D 23 -5.05 -26.81 -41.87
N ARG D 24 -3.95 -27.00 -41.14
CA ARG D 24 -2.96 -25.96 -40.92
C ARG D 24 -1.57 -26.55 -41.09
N LYS D 25 -0.64 -25.71 -41.50
CA LYS D 25 0.75 -26.14 -41.63
C LYS D 25 1.37 -26.35 -40.26
N LEU D 26 2.14 -27.42 -40.12
CA LEU D 26 2.86 -27.69 -38.88
C LEU D 26 4.06 -26.75 -38.81
N GLY D 27 3.80 -25.55 -38.28
CA GLY D 27 4.82 -24.52 -38.21
C GLY D 27 5.25 -24.07 -39.59
N PRO D 28 6.57 -23.97 -39.80
CA PRO D 28 7.08 -23.57 -41.11
C PRO D 28 7.28 -24.71 -42.09
N SER D 29 7.11 -25.96 -41.65
CA SER D 29 7.43 -27.11 -42.49
C SER D 29 6.35 -27.32 -43.55
N GLY D 30 6.62 -28.31 -44.42
CA GLY D 30 5.69 -28.72 -45.45
C GLY D 30 4.70 -29.77 -45.04
N THR D 31 4.70 -30.19 -43.77
CA THR D 31 3.72 -31.14 -43.28
C THR D 31 2.43 -30.42 -42.88
N VAL D 32 1.32 -31.14 -42.98
CA VAL D 32 0.00 -30.59 -42.68
C VAL D 32 -0.65 -31.42 -41.57
N VAL D 33 -1.32 -30.74 -40.64
CA VAL D 33 -2.06 -31.39 -39.57
C VAL D 33 -3.42 -30.73 -39.43
N THR D 34 -4.37 -31.50 -38.89
CA THR D 34 -5.67 -30.93 -38.56
C THR D 34 -5.54 -29.94 -37.41
N ALA D 35 -6.45 -28.98 -37.37
CA ALA D 35 -6.40 -27.92 -36.37
C ALA D 35 -6.67 -28.44 -34.96
N TYR D 36 -7.10 -29.70 -34.81
CA TYR D 36 -7.28 -30.30 -33.50
C TYR D 36 -6.45 -31.57 -33.42
N CYS D 37 -5.78 -31.76 -32.29
CA CYS D 37 -4.81 -32.83 -32.10
C CYS D 37 -5.20 -33.67 -30.90
N LEU D 38 -5.06 -35.00 -31.03
CA LEU D 38 -5.47 -35.91 -29.96
C LEU D 38 -4.38 -35.98 -28.90
N GLY D 39 -4.72 -35.56 -27.69
CA GLY D 39 -3.84 -35.73 -26.55
C GLY D 39 -4.01 -37.09 -25.91
N THR D 40 -2.90 -37.64 -25.41
CA THR D 40 -2.89 -39.01 -24.90
C THR D 40 -2.41 -39.10 -23.46
N MET D 41 -2.37 -37.98 -22.75
CA MET D 41 -1.91 -37.99 -21.36
C MET D 41 -2.65 -39.01 -20.50
N THR D 42 -3.89 -39.34 -20.87
CA THR D 42 -4.70 -40.25 -20.07
C THR D 42 -4.50 -41.71 -20.43
N PHE D 43 -3.94 -42.01 -21.60
CA PHE D 43 -3.82 -43.40 -22.04
C PHE D 43 -2.95 -44.19 -21.06
N GLY D 44 -3.49 -45.31 -20.59
CA GLY D 44 -2.82 -46.08 -19.57
C GLY D 44 -3.03 -45.59 -18.15
N ALA D 45 -3.80 -44.51 -17.97
CA ALA D 45 -4.19 -44.02 -16.65
C ALA D 45 -5.69 -44.07 -16.44
N GLU D 46 -6.33 -42.91 -16.54
CA GLU D 46 -7.79 -42.86 -16.44
C GLU D 46 -8.44 -43.65 -17.57
N ALA D 47 -7.78 -43.73 -18.72
CA ALA D 47 -8.29 -44.48 -19.87
C ALA D 47 -7.41 -45.70 -20.11
N ASP D 48 -8.01 -46.89 -20.02
CA ASP D 48 -7.28 -48.13 -20.24
C ASP D 48 -7.09 -48.34 -21.74
N GLU D 49 -6.55 -49.50 -22.11
CA GLU D 49 -6.22 -49.74 -23.51
C GLU D 49 -7.46 -49.65 -24.39
N ALA D 50 -8.51 -50.42 -24.05
CA ALA D 50 -9.73 -50.38 -24.84
C ALA D 50 -10.26 -48.94 -24.96
N ALA D 51 -10.39 -48.26 -23.82
CA ALA D 51 -10.83 -46.87 -23.83
C ALA D 51 -9.96 -46.04 -24.77
N SER D 52 -8.64 -46.19 -24.65
CA SER D 52 -7.72 -45.42 -25.49
C SER D 52 -7.93 -45.76 -26.96
N HIS D 53 -7.95 -47.05 -27.30
CA HIS D 53 -8.18 -47.45 -28.68
C HIS D 53 -9.47 -46.85 -29.22
N LYS D 54 -10.51 -46.77 -28.38
CA LYS D 54 -11.77 -46.20 -28.83
C LYS D 54 -11.63 -44.71 -29.13
N LEU D 55 -10.89 -43.99 -28.30
CA LEU D 55 -10.71 -42.56 -28.54
C LEU D 55 -9.90 -42.31 -29.81
N LEU D 56 -8.86 -43.11 -30.05
CA LEU D 56 -8.11 -43.00 -31.30
C LEU D 56 -8.99 -43.29 -32.50
N ASP D 57 -9.75 -44.40 -32.45
CA ASP D 57 -10.63 -44.75 -33.55
C ASP D 57 -11.60 -43.63 -33.87
N ASP D 58 -12.17 -42.99 -32.84
CA ASP D 58 -13.12 -41.91 -33.07
C ASP D 58 -12.42 -40.68 -33.62
N TYR D 59 -11.27 -40.32 -33.08
CA TYR D 59 -10.55 -39.15 -33.55
C TYR D 59 -10.24 -39.25 -35.05
N PHE D 60 -9.72 -40.41 -35.47
CA PHE D 60 -9.41 -40.59 -36.88
C PHE D 60 -10.67 -40.72 -37.72
N ALA D 61 -11.75 -41.27 -37.15
CA ALA D 61 -13.03 -41.29 -37.84
C ALA D 61 -13.51 -39.88 -38.15
N TRP D 62 -13.28 -38.94 -37.22
CA TRP D 62 -13.66 -37.56 -37.46
C TRP D 62 -12.80 -36.91 -38.54
N GLY D 63 -11.58 -37.41 -38.73
CA GLY D 63 -10.71 -36.90 -39.76
C GLY D 63 -9.35 -36.45 -39.26
N GLY D 64 -9.10 -36.62 -37.96
CA GLY D 64 -7.84 -36.17 -37.40
C GLY D 64 -6.66 -36.99 -37.89
N ASN D 65 -5.48 -36.38 -37.82
CA ASN D 65 -4.25 -37.06 -38.23
C ASN D 65 -3.07 -36.73 -37.31
N PHE D 66 -3.35 -36.16 -36.13
CA PHE D 66 -2.31 -35.64 -35.25
C PHE D 66 -2.46 -36.27 -33.87
N ILE D 67 -1.42 -36.97 -33.43
CA ILE D 67 -1.39 -37.63 -32.12
C ILE D 67 -0.23 -37.06 -31.32
N ASP D 68 -0.50 -36.67 -30.07
CA ASP D 68 0.52 -36.17 -29.17
C ASP D 68 0.61 -37.08 -27.95
N THR D 69 1.82 -37.50 -27.61
CA THR D 69 2.07 -38.33 -26.45
C THR D 69 3.39 -37.88 -25.82
N ALA D 70 3.85 -38.63 -24.83
CA ALA D 70 5.11 -38.32 -24.16
C ALA D 70 5.59 -39.58 -23.45
N ASP D 71 6.91 -39.74 -23.39
CA ASP D 71 7.47 -40.93 -22.78
C ASP D 71 7.07 -41.06 -21.32
N VAL D 72 6.92 -39.94 -20.61
CA VAL D 72 6.58 -39.99 -19.18
C VAL D 72 5.10 -40.20 -18.92
N TYR D 73 4.25 -40.12 -19.95
CA TYR D 73 2.83 -40.39 -19.75
C TYR D 73 2.61 -41.83 -19.33
N SER D 74 2.33 -42.05 -18.04
CA SER D 74 2.15 -43.39 -17.49
C SER D 74 3.41 -44.24 -17.71
N ALA D 75 4.57 -43.61 -17.62
CA ALA D 75 5.85 -44.32 -17.66
C ALA D 75 5.98 -45.18 -18.92
N GLY D 76 5.53 -44.64 -20.04
CA GLY D 76 5.68 -45.29 -21.33
C GLY D 76 4.49 -46.11 -21.80
N LYS D 77 3.46 -46.28 -20.96
CA LYS D 77 2.32 -47.08 -21.40
C LYS D 77 1.47 -46.33 -22.42
N SER D 78 1.43 -45.00 -22.35
CA SER D 78 0.74 -44.23 -23.39
C SER D 78 1.33 -44.51 -24.76
N GLU D 79 2.67 -44.44 -24.87
CA GLU D 79 3.32 -44.75 -26.15
C GLU D 79 3.04 -46.18 -26.57
N GLU D 80 3.16 -47.13 -25.63
CA GLU D 80 2.92 -48.54 -25.95
C GLU D 80 1.51 -48.73 -26.50
N ILE D 81 0.50 -48.16 -25.83
CA ILE D 81 -0.87 -48.27 -26.30
C ILE D 81 -0.99 -47.72 -27.71
N ILE D 82 -0.40 -46.55 -27.96
CA ILE D 82 -0.45 -45.96 -29.29
C ILE D 82 0.23 -46.86 -30.30
N GLY D 83 1.38 -47.42 -29.93
CA GLY D 83 2.11 -48.27 -30.86
C GLY D 83 1.32 -49.49 -31.30
N ARG D 84 0.60 -50.10 -30.36
CA ARG D 84 -0.22 -51.27 -30.70
C ARG D 84 -1.40 -50.87 -31.58
N TRP D 85 -1.97 -49.69 -31.35
CA TRP D 85 -3.07 -49.22 -32.19
C TRP D 85 -2.59 -48.95 -33.61
N LEU D 86 -1.48 -48.23 -33.75
CA LEU D 86 -0.91 -47.99 -35.07
C LEU D 86 -0.67 -49.32 -35.80
N LYS D 87 -0.17 -50.32 -35.07
CA LYS D 87 0.07 -51.62 -35.68
C LYS D 87 -1.25 -52.29 -36.09
N ALA D 88 -2.30 -52.09 -35.30
CA ALA D 88 -3.58 -52.73 -35.57
C ALA D 88 -4.41 -51.98 -36.61
N ARG D 89 -4.12 -50.70 -36.85
CA ARG D 89 -4.86 -49.87 -37.79
C ARG D 89 -3.90 -49.33 -38.85
N PRO D 90 -3.46 -50.18 -39.79
CA PRO D 90 -2.47 -49.71 -40.78
C PRO D 90 -2.96 -48.54 -41.60
N THR D 91 -4.23 -48.53 -42.01
CA THR D 91 -4.73 -47.45 -42.85
C THR D 91 -4.59 -46.10 -42.15
N GLU D 92 -4.93 -46.03 -40.86
CA GLU D 92 -4.78 -44.77 -40.12
C GLU D 92 -3.32 -44.48 -39.81
N ALA D 93 -2.51 -45.52 -39.57
CA ALA D 93 -1.10 -45.30 -39.25
C ALA D 93 -0.39 -44.58 -40.38
N ARG D 94 -0.75 -44.87 -41.64
CA ARG D 94 -0.12 -44.18 -42.77
C ARG D 94 -0.52 -42.72 -42.84
N GLN D 95 -1.61 -42.33 -42.17
CA GLN D 95 -2.02 -40.93 -42.11
C GLN D 95 -1.49 -40.21 -40.87
N ALA D 96 -1.16 -40.96 -39.82
CA ALA D 96 -0.96 -40.34 -38.51
C ALA D 96 0.38 -39.62 -38.43
N ILE D 97 0.33 -38.37 -37.99
CA ILE D 97 1.51 -37.63 -37.57
C ILE D 97 1.68 -37.85 -36.07
N VAL D 98 2.73 -38.57 -35.68
CA VAL D 98 2.95 -38.96 -34.30
C VAL D 98 3.99 -38.03 -33.68
N ALA D 99 3.66 -37.50 -32.50
CA ALA D 99 4.56 -36.62 -31.76
C ALA D 99 4.70 -37.12 -30.33
N THR D 100 5.93 -37.24 -29.85
CA THR D 100 6.22 -37.59 -28.47
C THR D 100 7.29 -36.66 -27.93
N LYS D 101 7.73 -36.92 -26.70
CA LYS D 101 8.62 -36.00 -26.01
C LYS D 101 9.64 -36.76 -25.17
N GLY D 102 10.72 -36.08 -24.85
CA GLY D 102 11.67 -36.56 -23.86
C GLY D 102 12.22 -35.39 -23.08
N ARG D 103 12.59 -35.66 -21.83
CA ARG D 103 13.17 -34.66 -20.93
C ARG D 103 12.99 -35.03 -19.47
N PHE D 104 11.80 -35.51 -19.11
CA PHE D 104 11.52 -35.72 -17.71
C PHE D 104 11.87 -37.14 -17.27
N PRO D 105 11.99 -37.37 -15.97
CA PRO D 105 12.59 -38.61 -15.47
C PRO D 105 11.83 -39.86 -15.92
N MET D 106 12.55 -40.75 -16.60
CA MET D 106 12.12 -42.12 -16.85
C MET D 106 12.96 -43.04 -15.97
N GLY D 107 12.81 -42.89 -14.67
CA GLY D 107 13.67 -43.54 -13.70
C GLY D 107 14.30 -42.52 -12.77
N ASN D 108 14.87 -42.97 -11.66
CA ASN D 108 15.35 -42.06 -10.63
C ASN D 108 16.86 -41.84 -10.68
N GLY D 109 17.54 -42.36 -11.70
CA GLY D 109 18.96 -42.13 -11.83
C GLY D 109 19.28 -40.71 -12.21
N PRO D 110 20.49 -40.25 -11.88
CA PRO D 110 20.87 -38.88 -12.25
C PRO D 110 20.81 -38.62 -13.74
N ASN D 111 20.93 -39.66 -14.58
CA ASN D 111 20.96 -39.51 -16.02
C ASN D 111 19.74 -40.13 -16.70
N ASP D 112 18.70 -40.47 -15.93
CA ASP D 112 17.41 -40.88 -16.49
C ASP D 112 16.52 -39.70 -16.78
N ILE D 113 17.10 -38.58 -17.23
CA ILE D 113 16.41 -37.30 -17.22
C ILE D 113 17.25 -36.30 -18.00
N GLY D 114 16.61 -35.22 -18.44
CA GLY D 114 17.33 -34.13 -19.07
C GLY D 114 17.39 -34.23 -20.59
N LEU D 115 18.01 -33.22 -21.18
CA LEU D 115 18.15 -33.10 -22.63
C LEU D 115 19.58 -33.36 -23.09
N SER D 116 20.33 -34.16 -22.35
CA SER D 116 21.69 -34.47 -22.71
C SER D 116 21.72 -35.51 -23.83
N ARG D 117 22.87 -35.59 -24.51
CA ARG D 117 23.07 -36.65 -25.49
C ARG D 117 22.90 -38.02 -24.82
N ARG D 118 23.51 -38.20 -23.65
CA ARG D 118 23.43 -39.46 -22.94
C ARG D 118 21.99 -39.94 -22.80
N HIS D 119 21.10 -39.07 -22.32
CA HIS D 119 19.74 -39.52 -22.03
C HIS D 119 18.87 -39.54 -23.27
N LEU D 120 18.89 -38.47 -24.08
CA LEU D 120 18.05 -38.44 -25.27
C LEU D 120 18.41 -39.58 -26.21
N SER D 121 19.69 -39.95 -26.28
CA SER D 121 20.07 -41.15 -27.03
C SER D 121 19.23 -42.34 -26.59
N GLN D 122 19.10 -42.54 -25.28
CA GLN D 122 18.33 -43.68 -24.78
C GLN D 122 16.83 -43.42 -24.89
N ALA D 123 16.40 -42.18 -24.64
CA ALA D 123 14.97 -41.88 -24.62
C ALA D 123 14.36 -41.96 -26.00
N LEU D 124 15.08 -41.51 -27.03
CA LEU D 124 14.55 -41.57 -28.38
C LEU D 124 14.38 -43.02 -28.85
N ASP D 125 15.36 -43.87 -28.56
CA ASP D 125 15.25 -45.28 -28.94
C ASP D 125 14.10 -45.96 -28.20
N ASP D 126 13.92 -45.64 -26.91
CA ASP D 126 12.83 -46.23 -26.16
C ASP D 126 11.48 -45.81 -26.72
N SER D 127 11.33 -44.54 -27.08
CA SER D 127 10.09 -44.08 -27.68
C SER D 127 9.86 -44.76 -29.03
N LEU D 128 10.91 -44.88 -29.84
CA LEU D 128 10.78 -45.58 -31.11
C LEU D 128 10.34 -47.02 -30.90
N ARG D 129 10.93 -47.70 -29.92
CA ARG D 129 10.55 -49.08 -29.65
C ARG D 129 9.10 -49.18 -29.17
N ARG D 130 8.75 -48.41 -28.13
CA ARG D 130 7.41 -48.49 -27.58
C ARG D 130 6.36 -48.10 -28.62
N LEU D 131 6.65 -47.09 -29.44
CA LEU D 131 5.73 -46.68 -30.48
C LEU D 131 5.76 -47.62 -31.69
N GLY D 132 6.70 -48.56 -31.74
CA GLY D 132 6.82 -49.45 -32.88
C GLY D 132 7.03 -48.73 -34.19
N LEU D 133 7.77 -47.62 -34.16
CA LEU D 133 8.00 -46.81 -35.35
C LEU D 133 9.48 -46.79 -35.68
N GLU D 134 9.79 -46.57 -36.96
CA GLU D 134 11.15 -46.34 -37.38
C GLU D 134 11.51 -44.86 -37.40
N GLN D 135 10.51 -44.00 -37.56
CA GLN D 135 10.71 -42.56 -37.54
C GLN D 135 9.58 -41.90 -36.76
N ILE D 136 9.95 -41.02 -35.85
CA ILE D 136 8.98 -40.19 -35.13
C ILE D 136 8.86 -38.86 -35.87
N ASP D 137 7.62 -38.43 -36.10
CA ASP D 137 7.38 -37.25 -36.91
C ASP D 137 7.82 -35.97 -36.19
N LEU D 138 7.43 -35.83 -34.93
CA LEU D 138 7.75 -34.63 -34.15
C LEU D 138 8.27 -35.06 -32.79
N TYR D 139 9.58 -34.90 -32.57
CA TYR D 139 10.18 -35.17 -31.27
C TYR D 139 10.37 -33.84 -30.54
N GLN D 140 9.88 -33.77 -29.32
CA GLN D 140 9.76 -32.51 -28.58
C GLN D 140 10.56 -32.56 -27.29
N MET D 141 11.26 -31.47 -27.01
CA MET D 141 11.93 -31.29 -25.71
C MET D 141 10.87 -30.90 -24.70
N HIS D 142 10.59 -31.80 -23.75
CA HIS D 142 9.46 -31.60 -22.84
C HIS D 142 9.61 -30.36 -21.97
N ALA D 143 10.85 -29.90 -21.75
CA ALA D 143 11.07 -28.69 -20.96
C ALA D 143 12.53 -28.30 -21.08
N TRP D 144 12.80 -27.02 -20.81
CA TRP D 144 14.16 -26.51 -20.80
C TRP D 144 15.02 -27.33 -19.83
N ASP D 145 16.29 -27.49 -20.16
CA ASP D 145 17.26 -28.15 -19.30
C ASP D 145 18.48 -27.23 -19.17
N ALA D 146 18.56 -26.51 -18.06
CA ALA D 146 19.69 -25.61 -17.82
C ALA D 146 21.00 -26.34 -17.61
N LEU D 147 20.96 -27.66 -17.37
CA LEU D 147 22.17 -28.43 -17.14
C LEU D 147 22.81 -28.94 -18.42
N THR D 148 22.12 -28.87 -19.55
CA THR D 148 22.64 -29.33 -20.83
C THR D 148 22.75 -28.15 -21.78
N PRO D 149 23.93 -27.87 -22.33
CA PRO D 149 24.02 -26.79 -23.33
C PRO D 149 23.07 -27.05 -24.48
N ILE D 150 22.37 -25.99 -24.91
CA ILE D 150 21.46 -26.15 -26.03
C ILE D 150 22.21 -26.63 -27.26
N GLU D 151 23.51 -26.34 -27.35
CA GLU D 151 24.31 -26.83 -28.46
C GLU D 151 24.38 -28.35 -28.46
N GLU D 152 24.55 -28.97 -27.29
CA GLU D 152 24.59 -30.43 -27.23
C GLU D 152 23.24 -31.03 -27.62
N THR D 153 22.14 -30.47 -27.12
CA THR D 153 20.82 -30.99 -27.47
C THR D 153 20.56 -30.84 -28.96
N LEU D 154 20.91 -29.68 -29.53
CA LEU D 154 20.61 -29.44 -30.93
C LEU D 154 21.45 -30.32 -31.86
N ARG D 155 22.69 -30.62 -31.47
CA ARG D 155 23.52 -31.51 -32.29
C ARG D 155 22.96 -32.92 -32.30
N PHE D 156 22.51 -33.42 -31.15
CA PHE D 156 21.91 -34.74 -31.12
C PHE D 156 20.70 -34.81 -32.04
N LEU D 157 19.79 -33.84 -31.92
CA LEU D 157 18.60 -33.82 -32.76
C LEU D 157 18.97 -33.79 -34.23
N ASP D 158 19.98 -33.00 -34.59
CA ASP D 158 20.40 -32.94 -35.99
C ASP D 158 20.95 -34.27 -36.47
N ASP D 159 21.63 -35.02 -35.59
CA ASP D 159 22.03 -36.37 -35.95
C ASP D 159 20.84 -37.29 -36.09
N ALA D 160 19.76 -37.03 -35.34
CA ALA D 160 18.56 -37.85 -35.46
C ALA D 160 17.81 -37.55 -36.75
N VAL D 161 17.82 -36.29 -37.20
CA VAL D 161 17.22 -35.95 -38.48
C VAL D 161 17.91 -36.72 -39.60
N SER D 162 19.24 -36.62 -39.67
CA SER D 162 19.97 -37.24 -40.76
C SER D 162 19.79 -38.75 -40.78
N SER D 163 19.86 -39.40 -39.62
CA SER D 163 19.71 -40.85 -39.56
C SER D 163 18.28 -41.30 -39.82
N GLY D 164 17.32 -40.38 -39.82
CA GLY D 164 15.94 -40.72 -40.11
C GLY D 164 15.10 -41.08 -38.90
N LYS D 165 15.66 -41.03 -37.69
CA LYS D 165 14.88 -41.38 -36.50
C LYS D 165 13.75 -40.38 -36.24
N ILE D 166 13.96 -39.11 -36.55
CA ILE D 166 12.93 -38.09 -36.36
C ILE D 166 12.80 -37.29 -37.66
N GLY D 167 11.59 -36.76 -37.89
CA GLY D 167 11.37 -35.89 -39.02
C GLY D 167 11.56 -34.43 -38.65
N TYR D 168 10.88 -34.00 -37.58
CA TYR D 168 10.98 -32.64 -37.08
C TYR D 168 11.15 -32.66 -35.57
N TYR D 169 11.57 -31.53 -35.02
CA TYR D 169 11.70 -31.37 -33.58
C TYR D 169 11.04 -30.06 -33.14
N GLY D 170 10.60 -30.05 -31.89
CA GLY D 170 9.92 -28.89 -31.32
C GLY D 170 10.20 -28.79 -29.84
N PHE D 171 9.67 -27.75 -29.23
CA PHE D 171 9.93 -27.43 -27.84
C PHE D 171 8.64 -27.39 -27.04
N SER D 172 8.79 -27.60 -25.73
CA SER D 172 7.75 -27.35 -24.75
C SER D 172 8.40 -26.80 -23.50
N ASN D 173 7.71 -25.86 -22.84
CA ASN D 173 8.23 -25.22 -21.64
C ASN D 173 9.56 -24.51 -21.92
N TYR D 174 9.60 -23.79 -23.03
CA TYR D 174 10.68 -22.86 -23.37
C TYR D 174 10.12 -21.43 -23.32
N VAL D 175 10.90 -20.52 -22.73
CA VAL D 175 10.46 -19.12 -22.67
C VAL D 175 11.02 -18.37 -23.87
N GLY D 176 10.93 -17.04 -23.82
CA GLY D 176 11.22 -16.24 -25.01
C GLY D 176 12.64 -16.40 -25.51
N TRP D 177 13.64 -16.18 -24.64
CA TRP D 177 15.02 -16.27 -25.11
C TRP D 177 15.43 -17.72 -25.35
N HIS D 178 14.83 -18.67 -24.65
CA HIS D 178 15.03 -20.08 -24.99
C HIS D 178 14.74 -20.33 -26.46
N ILE D 179 13.58 -19.84 -26.92
CA ILE D 179 13.14 -20.11 -28.30
C ILE D 179 14.08 -19.42 -29.29
N ALA D 180 14.35 -18.13 -29.08
CA ALA D 180 15.15 -17.38 -30.04
C ALA D 180 16.58 -17.91 -30.11
N LYS D 181 17.17 -18.26 -28.97
CA LYS D 181 18.53 -18.79 -28.97
C LYS D 181 18.61 -20.10 -29.72
N ALA D 182 17.69 -21.03 -29.41
CA ALA D 182 17.73 -22.35 -30.03
C ALA D 182 17.61 -22.26 -31.54
N SER D 183 16.63 -21.49 -32.03
CA SER D 183 16.42 -21.42 -33.48
C SER D 183 17.57 -20.70 -34.17
N GLU D 184 18.03 -19.58 -33.60
CA GLU D 184 19.13 -18.85 -34.23
C GLU D 184 20.41 -19.66 -34.27
N ILE D 185 20.65 -20.51 -33.26
CA ILE D 185 21.83 -21.37 -33.30
C ILE D 185 21.66 -22.46 -34.34
N ALA D 186 20.45 -23.01 -34.47
CA ALA D 186 20.18 -23.97 -35.53
C ALA D 186 20.50 -23.37 -36.89
N LYS D 187 20.06 -22.13 -37.13
CA LYS D 187 20.40 -21.42 -38.34
C LYS D 187 21.92 -21.35 -38.53
N ALA D 188 22.63 -20.91 -37.49
CA ALA D 188 24.07 -20.69 -37.61
C ALA D 188 24.82 -21.98 -37.92
N ARG D 189 24.29 -23.13 -37.49
CA ARG D 189 24.99 -24.39 -37.65
C ARG D 189 24.47 -25.22 -38.82
N GLY D 190 23.48 -24.73 -39.55
CA GLY D 190 22.93 -25.49 -40.65
C GLY D 190 22.05 -26.65 -40.25
N TYR D 191 21.54 -26.66 -39.03
CA TYR D 191 20.57 -27.67 -38.62
C TYR D 191 19.20 -27.35 -39.19
N THR D 192 18.28 -28.30 -39.05
CA THR D 192 16.90 -28.03 -39.42
C THR D 192 16.26 -27.10 -38.41
N ARG D 193 15.21 -26.41 -38.85
CA ARG D 193 14.63 -25.43 -37.95
C ARG D 193 13.51 -26.05 -37.12
N PRO D 194 13.39 -25.64 -35.85
CA PRO D 194 12.29 -26.14 -35.02
C PRO D 194 10.95 -25.66 -35.57
N VAL D 195 9.93 -26.48 -35.37
CA VAL D 195 8.63 -26.23 -36.00
C VAL D 195 7.57 -25.73 -35.02
N THR D 196 7.61 -26.14 -33.75
CA THR D 196 6.48 -25.87 -32.88
C THR D 196 6.93 -25.65 -31.44
N LEU D 197 6.07 -24.96 -30.69
CA LEU D 197 6.12 -24.91 -29.24
C LEU D 197 4.81 -25.44 -28.69
N GLN D 198 4.89 -26.29 -27.67
CA GLN D 198 3.70 -26.84 -27.03
C GLN D 198 3.51 -26.17 -25.67
N PRO D 199 2.77 -25.06 -25.60
CA PRO D 199 2.61 -24.37 -24.31
C PRO D 199 1.28 -24.66 -23.64
N GLN D 200 1.22 -24.49 -22.32
CA GLN D 200 -0.05 -24.48 -21.62
C GLN D 200 -0.72 -23.14 -21.84
N TYR D 201 -1.92 -23.16 -22.42
CA TYR D 201 -2.53 -21.93 -22.93
C TYR D 201 -4.05 -22.10 -22.95
N ASN D 202 -4.74 -21.11 -22.38
CA ASN D 202 -6.21 -21.10 -22.37
C ASN D 202 -6.66 -19.75 -21.86
N LEU D 203 -7.98 -19.56 -21.79
CA LEU D 203 -8.55 -18.28 -21.39
C LEU D 203 -8.12 -17.86 -19.99
N LEU D 204 -7.62 -18.79 -19.17
CA LEU D 204 -7.21 -18.48 -17.82
C LEU D 204 -5.69 -18.38 -17.68
N MET D 205 -4.94 -18.62 -18.75
CA MET D 205 -3.47 -18.58 -18.70
C MET D 205 -2.99 -18.04 -20.05
N ARG D 206 -2.75 -16.74 -20.12
CA ARG D 206 -2.34 -16.09 -21.36
C ARG D 206 -0.99 -15.41 -21.27
N ASP D 207 -0.18 -15.76 -20.26
CA ASP D 207 1.08 -15.06 -20.05
C ASP D 207 2.14 -15.40 -21.09
N ILE D 208 1.90 -16.39 -21.95
CA ILE D 208 2.82 -16.62 -23.07
C ILE D 208 2.70 -15.55 -24.13
N GLU D 209 1.69 -14.67 -24.03
CA GLU D 209 1.54 -13.54 -24.95
C GLU D 209 2.42 -12.36 -24.56
N LEU D 210 3.03 -12.38 -23.38
CA LEU D 210 3.91 -11.29 -22.99
C LEU D 210 5.06 -11.14 -23.97
N GLU D 211 5.58 -12.26 -24.48
CA GLU D 211 6.60 -12.20 -25.52
C GLU D 211 6.86 -13.57 -26.14
N ILE D 212 6.43 -14.64 -25.48
CA ILE D 212 6.75 -15.99 -25.97
C ILE D 212 6.09 -16.24 -27.32
N VAL D 213 4.83 -15.82 -27.47
CA VAL D 213 4.15 -16.00 -28.75
C VAL D 213 4.90 -15.26 -29.86
N ALA D 214 5.20 -13.97 -29.61
CA ALA D 214 5.91 -13.19 -30.62
C ALA D 214 7.26 -13.82 -30.96
N ALA D 215 7.97 -14.33 -29.95
CA ALA D 215 9.23 -15.03 -30.21
C ALA D 215 9.02 -16.20 -31.17
N CYS D 216 7.94 -16.96 -30.98
CA CYS D 216 7.63 -18.05 -31.91
C CYS D 216 7.30 -17.51 -33.29
N GLN D 217 6.54 -16.41 -33.37
CA GLN D 217 6.19 -15.84 -34.66
C GLN D 217 7.42 -15.38 -35.42
N ASP D 218 8.37 -14.77 -34.72
CA ASP D 218 9.62 -14.36 -35.37
C ASP D 218 10.32 -15.56 -35.99
N ALA D 219 10.32 -16.69 -35.30
CA ALA D 219 10.97 -17.91 -35.78
C ALA D 219 10.08 -18.72 -36.72
N GLY D 220 8.87 -18.23 -37.03
CA GLY D 220 7.97 -18.98 -37.89
C GLY D 220 7.38 -20.23 -37.28
N MET D 221 7.54 -20.42 -35.97
CA MET D 221 7.04 -21.63 -35.31
C MET D 221 5.55 -21.50 -34.99
N GLY D 222 4.89 -22.65 -34.98
CA GLY D 222 3.48 -22.72 -34.62
C GLY D 222 3.29 -23.15 -33.18
N LEU D 223 2.09 -22.91 -32.67
CA LEU D 223 1.75 -23.21 -31.29
C LEU D 223 0.84 -24.42 -31.22
N LEU D 224 1.16 -25.35 -30.32
CA LEU D 224 0.35 -26.54 -30.04
C LEU D 224 -0.14 -26.45 -28.61
N PRO D 225 -1.10 -25.57 -28.34
CA PRO D 225 -1.54 -25.37 -26.95
C PRO D 225 -2.21 -26.61 -26.39
N TRP D 226 -1.94 -26.89 -25.13
CA TRP D 226 -2.58 -27.98 -24.42
C TRP D 226 -3.29 -27.44 -23.18
N SER D 227 -4.29 -28.19 -22.73
CA SER D 227 -5.18 -27.77 -21.65
C SER D 227 -6.00 -26.56 -22.12
N PRO D 228 -6.61 -26.60 -23.31
CA PRO D 228 -7.42 -25.46 -23.74
C PRO D 228 -8.69 -25.29 -22.93
N LEU D 229 -9.10 -26.29 -22.17
CA LEU D 229 -10.25 -26.20 -21.29
C LEU D 229 -9.86 -25.93 -19.84
N GLY D 230 -8.60 -25.56 -19.60
CA GLY D 230 -8.13 -25.27 -18.26
C GLY D 230 -8.40 -26.40 -17.28
N GLY D 231 -8.36 -27.64 -17.77
CA GLY D 231 -8.64 -28.78 -16.92
C GLY D 231 -10.07 -28.83 -16.40
N GLY D 232 -11.03 -28.41 -17.21
CA GLY D 232 -12.43 -28.45 -16.83
C GLY D 232 -12.98 -27.17 -16.25
N TRP D 233 -12.11 -26.27 -15.78
CA TRP D 233 -12.59 -25.02 -15.19
C TRP D 233 -13.38 -24.18 -16.20
N LEU D 234 -13.07 -24.33 -17.48
CA LEU D 234 -13.77 -23.58 -18.52
C LEU D 234 -14.98 -24.31 -19.07
N THR D 235 -15.16 -25.60 -18.73
CA THR D 235 -16.30 -26.37 -19.21
C THR D 235 -17.54 -26.19 -18.35
N GLY D 236 -17.40 -25.65 -17.13
CA GLY D 236 -18.54 -25.46 -16.27
C GLY D 236 -18.58 -26.42 -15.09
N LYS D 237 -17.42 -26.66 -14.48
CA LYS D 237 -17.34 -27.48 -13.29
C LYS D 237 -16.48 -26.79 -12.24
N TYR D 238 -16.12 -27.51 -11.18
CA TYR D 238 -15.30 -26.95 -10.11
C TYR D 238 -15.95 -25.70 -9.53
N GLN D 267 -9.59 -14.61 -8.57
CA GLN D 267 -10.89 -14.90 -7.97
C GLN D 267 -11.98 -14.02 -8.57
N GLU D 268 -11.66 -12.75 -8.78
CA GLU D 268 -12.63 -11.84 -9.40
C GLU D 268 -12.67 -12.05 -10.91
N ARG D 269 -11.51 -11.88 -11.57
CA ARG D 269 -11.44 -12.10 -13.01
C ARG D 269 -11.81 -13.53 -13.39
N THR D 270 -11.34 -14.49 -12.59
CA THR D 270 -11.50 -15.90 -12.96
C THR D 270 -12.94 -16.25 -13.27
N TRP D 271 -13.89 -15.74 -12.48
CA TRP D 271 -15.29 -16.05 -12.72
C TRP D 271 -15.93 -15.10 -13.71
N ALA D 272 -15.41 -13.87 -13.84
CA ALA D 272 -15.85 -13.02 -14.94
C ALA D 272 -15.49 -13.64 -16.29
N ILE D 273 -14.38 -14.37 -16.35
CA ILE D 273 -14.02 -15.07 -17.57
C ILE D 273 -14.91 -16.30 -17.77
N ILE D 274 -15.05 -17.12 -16.73
CA ILE D 274 -15.90 -18.30 -16.83
C ILE D 274 -17.32 -17.91 -17.18
N GLY D 275 -17.84 -16.86 -16.53
CA GLY D 275 -19.19 -16.40 -16.82
C GLY D 275 -19.34 -15.86 -18.22
N THR D 276 -18.26 -15.33 -18.80
CA THR D 276 -18.33 -14.85 -20.18
C THR D 276 -18.46 -16.01 -21.15
N VAL D 277 -17.74 -17.11 -20.92
CA VAL D 277 -17.91 -18.30 -21.73
C VAL D 277 -19.34 -18.82 -21.61
N GLU D 278 -19.88 -18.80 -20.39
CA GLU D 278 -21.23 -19.31 -20.16
C GLU D 278 -22.27 -18.50 -20.96
N GLU D 279 -22.09 -17.18 -21.00
CA GLU D 279 -23.04 -16.34 -21.73
C GLU D 279 -23.02 -16.66 -23.22
N ILE D 280 -21.82 -16.65 -23.81
CA ILE D 280 -21.70 -16.91 -25.24
C ILE D 280 -22.18 -18.32 -25.59
N ALA D 281 -21.92 -19.27 -24.70
CA ALA D 281 -22.38 -20.64 -24.92
C ALA D 281 -23.90 -20.70 -24.97
N LYS D 282 -24.56 -20.13 -23.96
CA LYS D 282 -26.02 -20.15 -23.93
C LYS D 282 -26.62 -19.33 -25.06
N ALA D 283 -26.06 -18.14 -25.32
CA ALA D 283 -26.55 -17.35 -26.44
C ALA D 283 -26.37 -18.05 -27.77
N ARG D 284 -25.39 -18.95 -27.85
CA ARG D 284 -25.09 -19.69 -29.07
C ARG D 284 -25.68 -21.08 -29.10
N GLY D 285 -26.11 -21.62 -27.96
CA GLY D 285 -26.65 -22.96 -27.93
C GLY D 285 -25.63 -24.07 -28.01
N VAL D 286 -24.35 -23.75 -27.79
CA VAL D 286 -23.29 -24.76 -27.81
C VAL D 286 -22.77 -24.95 -26.39
N SER D 287 -21.83 -25.88 -26.21
CA SER D 287 -21.27 -26.11 -24.90
C SER D 287 -20.25 -25.03 -24.55
N MET D 288 -20.01 -24.87 -23.25
CA MET D 288 -18.94 -23.97 -22.81
C MET D 288 -17.60 -24.44 -23.35
N ALA D 289 -17.37 -25.75 -23.35
CA ALA D 289 -16.12 -26.29 -23.89
C ALA D 289 -15.93 -25.87 -25.34
N GLN D 290 -17.01 -25.87 -26.14
CA GLN D 290 -16.88 -25.49 -27.54
C GLN D 290 -16.57 -24.01 -27.70
N VAL D 291 -16.98 -23.18 -26.74
CA VAL D 291 -16.63 -21.76 -26.80
C VAL D 291 -15.14 -21.58 -26.55
N ALA D 292 -14.64 -22.15 -25.45
CA ALA D 292 -13.23 -22.00 -25.12
C ALA D 292 -12.34 -22.56 -26.21
N LEU D 293 -12.73 -23.70 -26.79
CA LEU D 293 -11.94 -24.29 -27.87
C LEU D 293 -11.97 -23.42 -29.12
N ALA D 294 -13.15 -22.92 -29.49
CA ALA D 294 -13.25 -22.05 -30.65
C ALA D 294 -12.40 -20.79 -30.47
N TRP D 295 -12.39 -20.24 -29.26
CA TRP D 295 -11.53 -19.09 -28.98
C TRP D 295 -10.06 -19.46 -29.13
N THR D 296 -9.66 -20.61 -28.57
CA THR D 296 -8.25 -21.00 -28.61
C THR D 296 -7.78 -21.22 -30.03
N ALA D 297 -8.59 -21.90 -30.85
CA ALA D 297 -8.18 -22.18 -32.22
C ALA D 297 -8.03 -20.91 -33.04
N ALA D 298 -8.75 -19.85 -32.66
CA ALA D 298 -8.76 -18.61 -33.42
C ALA D 298 -7.73 -17.60 -32.95
N ARG D 299 -6.78 -18.00 -32.11
CA ARG D 299 -5.78 -17.07 -31.61
C ARG D 299 -4.54 -17.07 -32.50
N PRO D 300 -3.73 -16.02 -32.41
CA PRO D 300 -2.57 -15.90 -33.30
C PRO D 300 -1.61 -17.07 -33.15
N ALA D 301 -1.15 -17.60 -34.30
CA ALA D 301 -0.05 -18.55 -34.39
C ALA D 301 -0.42 -19.96 -33.94
N ILE D 302 -1.70 -20.28 -33.83
CA ILE D 302 -2.12 -21.62 -33.38
C ILE D 302 -2.04 -22.59 -34.55
N THR D 303 -1.27 -23.66 -34.37
CA THR D 303 -1.18 -24.72 -35.38
C THR D 303 -2.24 -25.79 -35.16
N SER D 304 -2.33 -26.31 -33.95
CA SER D 304 -3.33 -27.32 -33.62
C SER D 304 -3.55 -27.31 -32.11
N VAL D 305 -4.82 -27.41 -31.71
CA VAL D 305 -5.19 -27.44 -30.30
C VAL D 305 -5.18 -28.90 -29.83
N ILE D 306 -4.52 -29.15 -28.70
CA ILE D 306 -4.36 -30.49 -28.18
C ILE D 306 -5.51 -30.77 -27.22
N LEU D 307 -6.43 -31.64 -27.64
CA LEU D 307 -7.58 -31.99 -26.82
C LEU D 307 -7.20 -33.02 -25.77
N GLY D 308 -7.72 -32.85 -24.56
CA GLY D 308 -7.50 -33.81 -23.50
C GLY D 308 -8.73 -34.66 -23.23
N ALA D 309 -9.38 -35.09 -24.30
CA ALA D 309 -10.62 -35.85 -24.17
C ALA D 309 -10.37 -37.17 -23.44
N ARG D 310 -11.21 -37.45 -22.45
CA ARG D 310 -11.09 -38.65 -21.64
C ARG D 310 -12.15 -39.71 -21.95
N THR D 311 -13.24 -39.33 -22.59
CA THR D 311 -14.33 -40.24 -22.92
C THR D 311 -14.79 -39.96 -24.35
N PRO D 312 -15.47 -40.92 -24.98
CA PRO D 312 -15.94 -40.69 -26.35
C PRO D 312 -16.86 -39.49 -26.48
N GLU D 313 -17.77 -39.27 -25.53
CA GLU D 313 -18.71 -38.16 -25.65
C GLU D 313 -18.00 -36.82 -25.46
N GLN D 314 -17.08 -36.74 -24.51
CA GLN D 314 -16.28 -35.53 -24.36
C GLN D 314 -15.56 -35.19 -25.66
N LEU D 315 -15.08 -36.22 -26.37
CA LEU D 315 -14.31 -35.98 -27.59
C LEU D 315 -15.20 -35.47 -28.72
N ALA D 316 -16.35 -36.11 -28.93
CA ALA D 316 -17.25 -35.66 -29.97
C ALA D 316 -17.68 -34.21 -29.75
N ASP D 317 -17.91 -33.83 -28.49
CA ASP D 317 -18.29 -32.45 -28.20
C ASP D 317 -17.16 -31.48 -28.48
N ASN D 318 -15.93 -31.85 -28.11
CA ASN D 318 -14.79 -30.95 -28.33
C ASN D 318 -14.52 -30.77 -29.82
N LEU D 319 -14.47 -31.88 -30.57
CA LEU D 319 -14.22 -31.79 -32.01
C LEU D 319 -15.30 -30.98 -32.72
N GLY D 320 -16.48 -30.84 -32.12
CA GLY D 320 -17.51 -30.00 -32.70
C GLY D 320 -17.18 -28.52 -32.66
N ALA D 321 -16.19 -28.13 -31.85
CA ALA D 321 -15.78 -26.74 -31.80
C ALA D 321 -15.36 -26.23 -33.17
N MET D 322 -14.90 -27.14 -34.04
CA MET D 322 -14.50 -26.73 -35.39
C MET D 322 -15.66 -26.11 -36.15
N LYS D 323 -16.89 -26.54 -35.87
CA LYS D 323 -18.05 -25.98 -36.53
C LYS D 323 -18.52 -24.68 -35.91
N VAL D 324 -17.92 -24.24 -34.80
CA VAL D 324 -18.32 -23.03 -34.10
C VAL D 324 -17.43 -21.89 -34.54
N GLU D 325 -18.05 -20.81 -35.01
CA GLU D 325 -17.34 -19.62 -35.51
C GLU D 325 -17.80 -18.42 -34.69
N LEU D 326 -17.03 -18.05 -33.67
CA LEU D 326 -17.42 -16.95 -32.80
C LEU D 326 -17.47 -15.64 -33.57
N SER D 327 -18.46 -14.82 -33.25
CA SER D 327 -18.59 -13.52 -33.90
C SER D 327 -17.48 -12.58 -33.43
N GLY D 328 -17.32 -11.48 -34.18
CA GLY D 328 -16.31 -10.50 -33.80
C GLY D 328 -16.49 -10.00 -32.38
N GLU D 329 -17.73 -9.64 -32.03
CA GLU D 329 -17.98 -9.10 -30.70
C GLU D 329 -17.68 -10.13 -29.62
N GLU D 330 -18.13 -11.37 -29.82
CA GLU D 330 -17.87 -12.43 -28.84
C GLU D 330 -16.37 -12.63 -28.65
N MET D 331 -15.64 -12.73 -29.76
CA MET D 331 -14.19 -12.92 -29.67
C MET D 331 -13.54 -11.77 -28.92
N ALA D 332 -14.02 -10.54 -29.16
CA ALA D 332 -13.39 -9.39 -28.52
C ALA D 332 -13.79 -9.28 -27.05
N ARG D 333 -14.98 -9.76 -26.68
CA ARG D 333 -15.36 -9.74 -25.27
C ARG D 333 -14.59 -10.78 -24.48
N LEU D 334 -14.35 -11.96 -25.07
CA LEU D 334 -13.51 -12.95 -24.42
C LEU D 334 -12.06 -12.47 -24.34
N ASN D 335 -11.58 -11.81 -25.39
CA ASN D 335 -10.22 -11.28 -25.38
C ASN D 335 -10.02 -10.28 -24.25
N GLU D 336 -11.02 -9.43 -24.01
CA GLU D 336 -10.84 -8.34 -23.06
C GLU D 336 -11.04 -8.80 -21.62
N VAL D 337 -12.06 -9.60 -21.36
CA VAL D 337 -12.30 -10.08 -20.00
C VAL D 337 -11.15 -10.93 -19.50
N SER D 338 -10.37 -11.53 -20.41
CA SER D 338 -9.29 -12.43 -20.04
C SER D 338 -7.92 -11.88 -20.37
N ALA D 339 -7.84 -10.64 -20.86
CA ALA D 339 -6.56 -10.09 -21.26
C ALA D 339 -5.57 -10.11 -20.10
N PRO D 340 -4.32 -10.48 -20.35
CA PRO D 340 -3.32 -10.45 -19.28
C PRO D 340 -3.03 -9.01 -18.85
N GLN D 341 -2.77 -8.84 -17.56
CA GLN D 341 -2.47 -7.54 -16.98
C GLN D 341 -1.10 -7.60 -16.31
N PRO D 342 -0.02 -7.27 -17.04
CA PRO D 342 1.30 -7.20 -16.41
C PRO D 342 1.65 -5.77 -16.03
N LEU D 343 2.81 -5.58 -15.38
CA LEU D 343 3.25 -4.23 -15.07
C LEU D 343 3.40 -3.42 -16.35
N ASP D 344 3.39 -2.09 -16.18
CA ASP D 344 3.49 -1.19 -17.33
C ASP D 344 4.70 -1.55 -18.19
N TYR D 345 5.86 -1.68 -17.56
CA TYR D 345 7.12 -2.06 -18.19
C TYR D 345 7.57 -3.42 -17.70
N PRO D 346 8.04 -4.30 -18.58
CA PRO D 346 8.25 -4.03 -20.00
C PRO D 346 7.14 -4.56 -20.92
N TYR D 347 6.23 -5.37 -20.38
CA TYR D 347 5.27 -6.09 -21.20
C TYR D 347 3.91 -5.40 -21.29
N GLY D 348 3.61 -4.47 -20.40
CA GLY D 348 2.32 -3.81 -20.39
C GLY D 348 2.18 -2.78 -21.50
N LYS D 349 1.07 -2.03 -21.43
CA LYS D 349 0.81 -0.99 -22.42
C LYS D 349 1.99 -0.03 -22.55
N GLY D 350 2.55 0.38 -21.41
CA GLY D 350 3.66 1.34 -21.44
C GLY D 350 4.81 0.85 -22.30
N GLY D 351 5.28 -0.36 -22.03
CA GLY D 351 6.41 -0.89 -22.80
C GLY D 351 6.09 -1.08 -24.26
N ILE D 352 4.84 -1.43 -24.58
CA ILE D 352 4.47 -1.67 -25.97
C ILE D 352 4.49 -0.38 -26.78
N ASN D 353 3.94 0.69 -26.21
CA ASN D 353 3.95 1.97 -26.93
C ASN D 353 5.35 2.56 -27.00
N GLN D 354 6.16 2.35 -25.97
CA GLN D 354 7.55 2.81 -26.02
C GLN D 354 8.30 2.20 -27.20
N ARG D 355 8.18 0.89 -27.37
CA ARG D 355 8.87 0.21 -28.46
C ARG D 355 8.21 0.42 -29.82
N HIS D 356 6.93 0.78 -29.84
CA HIS D 356 6.24 0.95 -31.11
C HIS D 356 6.89 2.05 -31.94
N ARG D 357 6.88 1.86 -33.26
CA ARG D 357 7.36 2.86 -34.21
C ARG D 357 6.27 3.12 -35.23
N LYS D 358 5.75 4.34 -35.26
CA LYS D 358 4.77 4.72 -36.27
C LYS D 358 5.46 4.82 -37.63
N ILE D 359 4.78 4.32 -38.66
CA ILE D 359 5.39 4.31 -39.99
C ILE D 359 5.56 5.72 -40.52
N GLU D 360 4.73 6.66 -40.09
CA GLU D 360 4.81 8.04 -40.55
C GLU D 360 5.82 8.87 -39.78
N GLY D 361 6.39 8.34 -38.70
CA GLY D 361 7.35 9.08 -37.90
C GLY D 361 6.70 9.75 -36.71
N GLY D 362 7.52 10.52 -36.01
CA GLY D 362 7.06 11.24 -34.82
C GLY D 362 6.83 10.31 -33.65
N ARG D 363 6.46 10.92 -32.53
CA ARG D 363 6.17 10.17 -31.30
C ARG D 363 4.74 9.64 -31.31
#